data_8HMO
#
_entry.id   8HMO
#
_cell.length_a   90.210
_cell.length_b   70.198
_cell.length_c   104.839
_cell.angle_alpha   90.00
_cell.angle_beta   105.77
_cell.angle_gamma   90.00
#
_symmetry.space_group_name_H-M   'P 1 2 1'
#
loop_
_entity.id
_entity.type
_entity.pdbx_description
1 polymer 'Metal-dependent hydrolase'
2 non-polymer 'MANGANESE (II) ION'
3 water water
#
_entity_poly.entity_id   1
_entity_poly.type   'polypeptide(L)'
_entity_poly.pdbx_seq_one_letter_code
;MKIIDITAPIYEGMPVYKNKPEKQPSITTQTNGHVTESRICMDVHTGTHVDAPLHMMNDGKTIETISIEKLVRPCKVIDL
THVHEKITKSDVENADIQKDDFILLKTKNSFDKEFNFDFIYLAEDAARYLAEIGIAGVGIDSLGIERAQPEHPTHRALMD
KDIVVIEGLQLADVEEGSYFMIAAPLNIQGTDASPARVLLLDNWKLEHHHHHH
;
_entity_poly.pdbx_strand_id   A,B,C,D,E,F
#
# COMPACT_ATOMS: atom_id res chain seq x y z
N MET A 1 -11.88 -6.19 -3.52
CA MET A 1 -11.85 -7.39 -2.64
C MET A 1 -10.42 -7.62 -2.16
N LYS A 2 -10.17 -7.28 -0.90
CA LYS A 2 -8.84 -7.46 -0.26
C LYS A 2 -9.05 -8.45 0.89
N ILE A 3 -8.28 -9.53 0.87
CA ILE A 3 -8.15 -10.50 1.99
C ILE A 3 -7.08 -9.95 2.91
N ILE A 4 -7.27 -9.99 4.23
CA ILE A 4 -6.19 -9.74 5.23
C ILE A 4 -5.92 -11.05 5.97
N ASP A 5 -4.69 -11.59 5.84
CA ASP A 5 -4.26 -12.77 6.63
C ASP A 5 -3.98 -12.28 8.04
N ILE A 6 -4.82 -12.66 9.00
CA ILE A 6 -4.66 -12.36 10.46
C ILE A 6 -4.22 -13.66 11.19
N THR A 7 -3.68 -14.63 10.45
CA THR A 7 -3.16 -15.91 11.01
C THR A 7 -1.65 -15.77 11.29
N ALA A 8 -1.20 -16.33 12.42
CA ALA A 8 0.24 -16.36 12.83
C ALA A 8 0.98 -17.37 11.98
N PRO A 9 2.25 -17.09 11.57
CA PRO A 9 3.06 -18.11 10.89
C PRO A 9 3.39 -19.22 11.88
N ILE A 10 3.35 -20.47 11.43
CA ILE A 10 3.71 -21.68 12.26
C ILE A 10 5.09 -22.15 11.83
N TYR A 11 6.06 -22.12 12.74
CA TYR A 11 7.48 -22.44 12.47
C TYR A 11 8.17 -22.76 13.81
N GLU A 12 9.15 -23.67 13.84
CA GLU A 12 9.92 -23.93 15.08
C GLU A 12 10.59 -22.60 15.43
N GLY A 13 10.39 -22.13 16.67
CA GLY A 13 10.93 -20.86 17.18
C GLY A 13 9.86 -19.80 17.31
N MET A 14 8.65 -20.12 16.84
CA MET A 14 7.49 -19.17 16.85
C MET A 14 7.19 -18.84 18.30
N PRO A 15 6.54 -17.69 18.60
CA PRO A 15 6.06 -17.43 19.96
C PRO A 15 5.04 -18.51 20.35
N VAL A 16 5.24 -19.13 21.51
CA VAL A 16 4.28 -20.10 22.13
C VAL A 16 4.03 -19.64 23.57
N TYR A 17 3.03 -20.24 24.22
CA TYR A 17 2.58 -19.82 25.56
C TYR A 17 3.74 -19.95 26.56
N LYS A 18 4.11 -18.84 27.24
CA LYS A 18 5.10 -18.78 28.35
C LYS A 18 6.48 -19.22 27.84
N ASN A 19 6.62 -19.28 26.51
CA ASN A 19 7.83 -19.73 25.78
C ASN A 19 8.16 -21.17 26.19
N LYS A 20 7.18 -21.93 26.66
CA LYS A 20 7.39 -23.36 27.05
C LYS A 20 7.95 -24.09 25.84
N PRO A 21 9.21 -24.60 25.89
CA PRO A 21 9.85 -25.13 24.69
C PRO A 21 9.17 -26.38 24.10
N GLU A 22 8.30 -27.04 24.86
CA GLU A 22 7.57 -28.27 24.45
C GLU A 22 6.36 -27.91 23.58
N LYS A 23 5.85 -26.69 23.70
CA LYS A 23 4.66 -26.19 22.96
C LYS A 23 5.08 -25.83 21.52
N GLN A 24 6.40 -25.84 21.26
CA GLN A 24 7.01 -25.55 19.94
C GLN A 24 6.58 -26.64 18.94
N PRO A 25 6.25 -26.27 17.69
CA PRO A 25 5.99 -27.25 16.65
C PRO A 25 7.27 -27.97 16.22
N SER A 26 7.12 -29.17 15.67
CA SER A 26 8.21 -30.00 15.11
C SER A 26 7.86 -30.32 13.65
N ILE A 27 8.84 -30.64 12.84
CA ILE A 27 8.63 -31.04 11.41
C ILE A 27 9.74 -32.03 11.04
N THR A 28 9.40 -33.11 10.35
CA THR A 28 10.38 -34.06 9.75
C THR A 28 10.16 -34.10 8.24
N THR A 29 11.22 -33.90 7.46
CA THR A 29 11.21 -33.83 5.98
C THR A 29 12.02 -35.01 5.41
N GLN A 30 11.64 -35.49 4.21
CA GLN A 30 12.31 -36.62 3.50
C GLN A 30 12.48 -36.22 2.03
N THR A 31 13.58 -36.62 1.37
CA THR A 31 13.86 -36.21 -0.03
C THR A 31 14.42 -37.37 -0.87
N ASN A 32 13.55 -38.23 -1.41
CA ASN A 32 13.95 -39.25 -2.42
C ASN A 32 14.11 -38.54 -3.76
N GLY A 33 15.32 -38.04 -4.04
CA GLY A 33 15.59 -37.34 -5.30
C GLY A 33 14.87 -35.99 -5.34
N HIS A 34 13.69 -35.92 -5.99
CA HIS A 34 12.94 -34.66 -6.18
C HIS A 34 11.55 -34.70 -5.54
N VAL A 35 11.06 -35.86 -5.10
CA VAL A 35 9.90 -35.95 -4.16
C VAL A 35 10.40 -35.47 -2.79
N THR A 36 9.72 -34.48 -2.19
CA THR A 36 9.98 -33.98 -0.81
C THR A 36 8.66 -34.14 -0.03
N GLU A 37 8.72 -34.71 1.17
CA GLU A 37 7.50 -35.01 1.99
C GLU A 37 7.75 -34.68 3.45
N SER A 38 6.78 -34.08 4.13
CA SER A 38 6.95 -33.57 5.51
C SER A 38 5.89 -34.15 6.46
N ARG A 39 6.19 -34.12 7.74
CA ARG A 39 5.22 -34.46 8.81
C ARG A 39 5.34 -33.38 9.86
N ILE A 40 4.23 -32.70 10.20
CA ILE A 40 4.19 -31.67 11.28
C ILE A 40 3.72 -32.37 12.56
N CYS A 41 4.24 -31.95 13.72
CA CYS A 41 3.63 -32.16 15.06
C CYS A 41 3.42 -30.79 15.69
N MET A 42 2.25 -30.53 16.23
CA MET A 42 1.95 -29.21 16.85
C MET A 42 0.85 -29.35 17.91
N ASP A 43 0.96 -28.55 18.96
CA ASP A 43 -0.12 -28.38 19.98
C ASP A 43 -1.31 -27.73 19.23
N VAL A 44 -2.51 -28.29 19.40
CA VAL A 44 -3.76 -27.83 18.72
C VAL A 44 -4.07 -26.39 19.17
N HIS A 45 -3.36 -25.91 20.19
CA HIS A 45 -3.44 -24.51 20.70
C HIS A 45 -2.16 -23.75 20.29
N THR A 46 -1.72 -23.91 19.05
CA THR A 46 -0.53 -23.22 18.51
C THR A 46 -1.00 -22.06 17.62
N GLY A 47 -0.47 -20.87 17.88
CA GLY A 47 -0.69 -19.70 17.00
C GLY A 47 -2.18 -19.45 16.88
N THR A 48 -2.66 -19.12 15.68
CA THR A 48 -4.08 -18.82 15.45
C THR A 48 -4.81 -20.16 15.51
N HIS A 49 -5.77 -20.27 16.41
CA HIS A 49 -6.50 -21.55 16.65
C HIS A 49 -7.88 -21.27 17.27
N VAL A 50 -8.82 -22.18 17.07
CA VAL A 50 -10.18 -22.10 17.65
C VAL A 50 -10.20 -22.99 18.89
N ASP A 51 -10.64 -22.47 20.04
CA ASP A 51 -10.82 -23.26 21.29
C ASP A 51 -12.16 -23.99 21.16
N ALA A 52 -12.30 -25.19 21.74
CA ALA A 52 -13.58 -25.94 21.87
C ALA A 52 -13.97 -26.05 23.34
N PRO A 53 -15.29 -26.09 23.67
CA PRO A 53 -15.74 -26.26 25.05
C PRO A 53 -14.97 -27.33 25.88
N LEU A 54 -14.48 -28.40 25.26
CA LEU A 54 -13.76 -29.51 25.97
C LEU A 54 -12.69 -28.95 26.91
N HIS A 55 -11.63 -28.31 26.38
CA HIS A 55 -10.75 -27.39 27.16
C HIS A 55 -11.62 -26.65 28.18
N MET A 56 -11.52 -26.98 29.48
CA MET A 56 -12.18 -26.28 30.64
C MET A 56 -13.51 -26.96 31.04
N MET A 57 -13.79 -28.13 30.48
CA MET A 57 -14.91 -29.02 30.86
C MET A 57 -14.50 -30.44 30.49
N ASN A 58 -15.42 -31.41 30.58
CA ASN A 58 -15.15 -32.78 30.06
C ASN A 58 -16.34 -33.29 29.26
N ASP A 59 -17.56 -33.04 29.75
CA ASP A 59 -18.80 -33.38 28.98
C ASP A 59 -18.96 -32.34 27.87
N GLY A 60 -17.99 -31.40 27.77
CA GLY A 60 -18.01 -30.22 26.89
C GLY A 60 -17.60 -30.57 25.47
N LYS A 61 -18.14 -29.81 24.52
CA LYS A 61 -18.16 -30.14 23.07
C LYS A 61 -16.74 -30.05 22.50
N THR A 62 -16.42 -30.87 21.50
CA THR A 62 -15.11 -30.95 20.80
C THR A 62 -15.14 -30.05 19.56
N ILE A 63 -14.01 -29.89 18.88
CA ILE A 63 -13.83 -28.82 17.83
C ILE A 63 -14.60 -29.18 16.55
N GLU A 64 -15.35 -30.28 16.53
CA GLU A 64 -16.17 -30.72 15.36
C GLU A 64 -17.61 -30.28 15.56
N THR A 65 -17.94 -29.83 16.77
CA THR A 65 -19.31 -29.49 17.21
C THR A 65 -19.55 -28.00 17.02
N ILE A 66 -18.50 -27.19 16.90
CA ILE A 66 -18.66 -25.76 16.48
C ILE A 66 -18.75 -25.78 14.95
N SER A 67 -19.95 -25.50 14.41
CA SER A 67 -20.26 -25.50 12.96
C SER A 67 -19.52 -24.36 12.26
N ILE A 68 -19.17 -24.54 10.98
CA ILE A 68 -18.42 -23.54 10.15
C ILE A 68 -19.32 -22.35 9.85
N GLU A 69 -20.63 -22.48 10.04
CA GLU A 69 -21.61 -21.40 9.73
C GLU A 69 -21.42 -20.26 10.73
N LYS A 70 -20.90 -20.56 11.93
CA LYS A 70 -20.67 -19.56 13.01
C LYS A 70 -19.18 -19.20 13.10
N LEU A 71 -18.38 -19.68 12.15
CA LEU A 71 -16.92 -19.42 12.04
C LEU A 71 -16.58 -18.74 10.70
N VAL A 72 -17.46 -18.83 9.70
CA VAL A 72 -17.25 -18.22 8.37
C VAL A 72 -18.44 -17.32 8.13
N ARG A 73 -18.35 -16.07 8.58
CA ARG A 73 -19.51 -15.17 8.77
C ARG A 73 -19.03 -13.73 8.99
N PRO A 74 -19.93 -12.74 8.86
CA PRO A 74 -19.58 -11.36 9.18
C PRO A 74 -19.02 -11.21 10.60
N CYS A 75 -18.01 -10.37 10.77
CA CYS A 75 -17.34 -10.13 12.08
C CYS A 75 -17.21 -8.63 12.32
N LYS A 76 -17.06 -8.27 13.60
CA LYS A 76 -16.71 -6.90 14.06
C LYS A 76 -15.32 -6.94 14.71
N VAL A 77 -14.40 -6.11 14.21
CA VAL A 77 -13.02 -5.89 14.77
C VAL A 77 -13.08 -4.66 15.67
N ILE A 78 -13.00 -4.83 16.99
CA ILE A 78 -13.02 -3.69 17.97
C ILE A 78 -11.59 -3.33 18.39
N ASP A 79 -11.26 -2.04 18.33
CA ASP A 79 -9.96 -1.45 18.76
C ASP A 79 -9.99 -1.28 20.28
N LEU A 80 -9.15 -2.04 20.98
CA LEU A 80 -8.90 -1.89 22.42
C LEU A 80 -7.38 -1.83 22.63
N THR A 81 -6.66 -1.13 21.76
CA THR A 81 -5.19 -0.86 21.89
C THR A 81 -4.97 0.35 22.80
N HIS A 82 -6.03 0.90 23.38
CA HIS A 82 -5.98 1.92 24.45
C HIS A 82 -6.12 1.25 25.83
N VAL A 83 -6.24 -0.08 25.87
CA VAL A 83 -6.52 -0.84 27.13
C VAL A 83 -5.18 -1.28 27.70
N HIS A 84 -5.06 -1.22 29.02
CA HIS A 84 -3.90 -1.67 29.82
C HIS A 84 -4.35 -2.83 30.71
N GLU A 85 -3.41 -3.75 30.97
CA GLU A 85 -3.61 -4.96 31.81
C GLU A 85 -4.66 -5.87 31.17
N LYS A 86 -5.94 -5.50 31.26
CA LYS A 86 -7.08 -6.40 30.93
C LYS A 86 -8.31 -5.61 30.45
N ILE A 87 -9.07 -6.25 29.56
CA ILE A 87 -10.38 -5.76 29.05
C ILE A 87 -11.41 -6.03 30.15
N THR A 88 -12.28 -5.05 30.44
CA THR A 88 -13.30 -5.08 31.52
C THR A 88 -14.68 -4.89 30.92
N LYS A 89 -15.73 -5.04 31.73
CA LYS A 89 -17.15 -4.77 31.34
C LYS A 89 -17.26 -3.38 30.72
N SER A 90 -16.69 -2.36 31.38
CA SER A 90 -16.72 -0.96 30.88
C SER A 90 -16.16 -0.91 29.44
N ASP A 91 -15.02 -1.58 29.19
CA ASP A 91 -14.31 -1.59 27.89
C ASP A 91 -15.16 -2.27 26.78
N VAL A 92 -16.11 -3.15 27.12
CA VAL A 92 -16.97 -3.84 26.10
C VAL A 92 -18.44 -3.39 26.19
N GLU A 93 -18.79 -2.47 27.09
CA GLU A 93 -20.15 -1.87 27.16
C GLU A 93 -20.27 -0.74 26.13
N ASN A 94 -19.22 0.08 26.04
CA ASN A 94 -19.21 1.30 25.18
C ASN A 94 -19.25 0.90 23.70
N ALA A 95 -18.69 -0.25 23.31
CA ALA A 95 -18.50 -0.64 21.89
C ALA A 95 -19.83 -1.10 21.30
N ASP A 96 -19.99 -0.96 19.98
CA ASP A 96 -21.18 -1.46 19.24
C ASP A 96 -21.04 -2.98 19.18
N ILE A 97 -21.34 -3.63 20.30
CA ILE A 97 -21.27 -5.11 20.49
C ILE A 97 -22.69 -5.58 20.75
N GLN A 98 -23.19 -6.48 19.91
CA GLN A 98 -24.62 -6.87 19.96
C GLN A 98 -24.70 -8.37 20.11
N LYS A 99 -25.91 -8.87 20.33
CA LYS A 99 -26.18 -10.32 20.34
C LYS A 99 -25.86 -10.85 18.94
N ASP A 100 -25.34 -12.07 18.86
CA ASP A 100 -25.02 -12.79 17.60
C ASP A 100 -23.96 -12.02 16.79
N ASP A 101 -23.27 -11.06 17.40
CA ASP A 101 -22.04 -10.46 16.82
C ASP A 101 -20.86 -11.38 17.13
N PHE A 102 -19.97 -11.55 16.16
CA PHE A 102 -18.63 -12.18 16.32
C PHE A 102 -17.62 -11.04 16.44
N ILE A 103 -17.01 -10.86 17.63
CA ILE A 103 -16.17 -9.67 17.96
C ILE A 103 -14.70 -10.08 18.11
N LEU A 104 -13.86 -9.62 17.20
CA LEU A 104 -12.38 -9.76 17.26
C LEU A 104 -11.79 -8.56 17.97
N LEU A 105 -10.99 -8.79 19.01
CA LEU A 105 -10.42 -7.73 19.87
C LEU A 105 -8.99 -7.43 19.40
N LYS A 106 -8.79 -6.26 18.77
CA LYS A 106 -7.46 -5.64 18.50
C LYS A 106 -6.97 -4.96 19.78
N THR A 107 -5.81 -5.36 20.27
CA THR A 107 -5.23 -4.83 21.53
C THR A 107 -3.74 -4.59 21.26
N LYS A 108 -2.97 -4.25 22.30
CA LYS A 108 -1.52 -3.98 22.19
C LYS A 108 -0.76 -5.30 21.95
N ASN A 109 -1.42 -6.45 22.11
CA ASN A 109 -0.85 -7.79 21.83
C ASN A 109 -0.43 -7.88 20.35
N SER A 110 -1.25 -7.35 19.43
CA SER A 110 -0.99 -7.35 17.96
C SER A 110 0.38 -6.71 17.64
N PHE A 111 0.80 -5.73 18.44
CA PHE A 111 2.08 -4.98 18.23
C PHE A 111 3.23 -5.64 19.01
N ASP A 112 2.98 -6.80 19.67
CA ASP A 112 4.01 -7.62 20.37
C ASP A 112 4.38 -8.83 19.50
N LYS A 113 5.62 -8.90 19.00
CA LYS A 113 6.06 -9.95 18.05
C LYS A 113 6.69 -11.14 18.79
N GLU A 114 6.83 -11.01 20.11
CA GLU A 114 7.32 -12.12 20.96
C GLU A 114 6.23 -12.34 22.02
N PHE A 115 6.23 -13.49 22.68
CA PHE A 115 5.24 -13.70 23.75
C PHE A 115 5.52 -12.75 24.91
N ASN A 116 4.47 -12.18 25.48
CA ASN A 116 4.62 -11.31 26.66
C ASN A 116 3.79 -11.89 27.80
N PHE A 117 4.40 -12.06 28.98
CA PHE A 117 3.74 -12.66 30.17
C PHE A 117 2.66 -11.74 30.73
N ASP A 118 2.66 -10.44 30.39
CA ASP A 118 1.66 -9.44 30.89
C ASP A 118 0.64 -9.07 29.79
N PHE A 119 0.19 -10.07 29.04
CA PHE A 119 -0.63 -9.87 27.81
C PHE A 119 -2.02 -9.36 28.24
N ILE A 120 -2.55 -8.41 27.47
CA ILE A 120 -3.96 -7.96 27.59
C ILE A 120 -4.83 -9.20 27.46
N TYR A 121 -5.88 -9.29 28.26
CA TYR A 121 -6.73 -10.49 28.34
C TYR A 121 -8.16 -10.02 28.52
N LEU A 122 -9.11 -10.92 28.29
CA LEU A 122 -10.54 -10.65 28.54
C LEU A 122 -10.81 -11.05 29.99
N ALA A 123 -11.28 -10.12 30.82
CA ALA A 123 -11.51 -10.38 32.25
C ALA A 123 -12.94 -10.91 32.41
N GLU A 124 -13.22 -11.56 33.55
CA GLU A 124 -14.49 -12.27 33.90
C GLU A 124 -15.68 -11.30 33.80
N ASP A 125 -15.57 -10.14 34.45
CA ASP A 125 -16.62 -9.07 34.41
C ASP A 125 -17.05 -8.89 32.94
N ALA A 126 -16.09 -8.70 32.02
CA ALA A 126 -16.31 -8.51 30.55
C ALA A 126 -16.86 -9.78 29.89
N ALA A 127 -16.27 -10.95 30.20
CA ALA A 127 -16.66 -12.23 29.57
C ALA A 127 -18.08 -12.60 30.01
N ARG A 128 -18.48 -12.22 31.23
CA ARG A 128 -19.85 -12.42 31.77
C ARG A 128 -20.83 -11.51 31.02
N TYR A 129 -20.47 -10.25 30.83
CA TYR A 129 -21.34 -9.26 30.12
C TYR A 129 -21.60 -9.80 28.72
N LEU A 130 -20.53 -10.14 28.01
CA LEU A 130 -20.61 -10.67 26.61
C LEU A 130 -21.42 -11.96 26.58
N ALA A 131 -21.44 -12.72 27.70
CA ALA A 131 -22.22 -13.96 27.85
C ALA A 131 -23.71 -13.66 28.01
N GLU A 132 -24.08 -12.60 28.73
CA GLU A 132 -25.50 -12.25 29.02
C GLU A 132 -26.03 -11.26 27.98
N ILE A 133 -25.18 -10.71 27.11
CA ILE A 133 -25.57 -9.91 25.93
C ILE A 133 -25.89 -10.87 24.78
N GLY A 134 -25.13 -11.96 24.65
CA GLY A 134 -25.38 -13.05 23.68
C GLY A 134 -24.58 -12.91 22.39
N ILE A 135 -23.29 -12.56 22.50
CA ILE A 135 -22.32 -12.55 21.36
C ILE A 135 -22.17 -13.98 20.85
N ALA A 136 -21.96 -14.17 19.55
CA ALA A 136 -21.75 -15.49 18.89
C ALA A 136 -20.33 -15.98 19.16
N GLY A 137 -19.36 -15.06 19.22
CA GLY A 137 -17.97 -15.44 19.49
C GLY A 137 -17.08 -14.24 19.67
N VAL A 138 -15.92 -14.50 20.23
CA VAL A 138 -14.92 -13.46 20.53
C VAL A 138 -13.59 -14.03 20.10
N GLY A 139 -12.85 -13.24 19.32
CA GLY A 139 -11.45 -13.47 18.97
C GLY A 139 -10.54 -12.51 19.70
N ILE A 140 -9.35 -12.95 20.06
CA ILE A 140 -8.33 -12.18 20.83
C ILE A 140 -7.02 -12.30 20.06
N ASP A 141 -6.20 -11.25 20.09
CA ASP A 141 -4.88 -11.21 19.45
C ASP A 141 -3.81 -11.66 20.46
N SER A 142 -4.18 -12.53 21.39
CA SER A 142 -3.26 -13.19 22.34
C SER A 142 -3.41 -14.71 22.18
N LEU A 143 -2.38 -15.50 22.49
CA LEU A 143 -2.46 -16.99 22.38
C LEU A 143 -3.47 -17.53 23.41
N GLY A 144 -3.72 -16.77 24.49
CA GLY A 144 -4.70 -17.13 25.53
C GLY A 144 -5.68 -16.00 25.77
N ILE A 145 -6.95 -16.30 26.02
CA ILE A 145 -7.99 -15.27 26.29
C ILE A 145 -7.96 -14.85 27.77
N GLU A 146 -7.29 -15.59 28.67
CA GLU A 146 -7.13 -15.09 30.07
C GLU A 146 -5.79 -15.44 30.72
N ARG A 147 -5.55 -14.76 31.84
CA ARG A 147 -4.41 -15.00 32.76
C ARG A 147 -4.80 -14.47 34.14
N ALA A 148 -4.01 -14.76 35.18
CA ALA A 148 -4.25 -14.30 36.57
C ALA A 148 -5.70 -14.55 36.96
N GLN A 149 -6.26 -15.66 36.49
CA GLN A 149 -7.69 -16.02 36.73
C GLN A 149 -7.76 -17.53 36.95
N PRO A 150 -7.60 -18.01 38.19
CA PRO A 150 -7.73 -19.44 38.45
C PRO A 150 -9.19 -19.93 38.34
N GLU A 151 -9.37 -21.14 37.82
CA GLU A 151 -10.69 -21.79 37.56
C GLU A 151 -11.14 -21.43 36.14
N HIS A 152 -10.44 -20.48 35.50
CA HIS A 152 -10.64 -20.05 34.09
C HIS A 152 -12.07 -19.55 33.86
N PRO A 153 -12.51 -18.50 34.60
CA PRO A 153 -13.88 -17.99 34.52
C PRO A 153 -14.25 -17.33 33.18
N THR A 154 -13.28 -16.70 32.51
CA THR A 154 -13.49 -16.07 31.18
C THR A 154 -13.81 -17.18 30.17
N HIS A 155 -12.94 -18.19 30.11
CA HIS A 155 -13.14 -19.38 29.26
C HIS A 155 -14.52 -19.93 29.57
N ARG A 156 -14.75 -20.25 30.84
CA ARG A 156 -15.94 -21.04 31.23
C ARG A 156 -17.20 -20.19 30.91
N ALA A 157 -17.21 -18.89 31.22
CA ALA A 157 -18.40 -18.04 31.01
C ALA A 157 -18.83 -18.11 29.54
N LEU A 158 -17.87 -18.23 28.62
CA LEU A 158 -18.13 -18.19 27.15
C LEU A 158 -18.42 -19.61 26.63
N MET A 159 -17.61 -20.62 27.00
CA MET A 159 -17.79 -21.99 26.46
C MET A 159 -19.07 -22.60 27.07
N ASP A 160 -19.60 -21.96 28.12
CA ASP A 160 -20.87 -22.36 28.80
C ASP A 160 -22.07 -22.02 27.91
N LYS A 161 -22.11 -20.81 27.32
CA LYS A 161 -23.23 -20.37 26.42
C LYS A 161 -22.86 -20.62 24.95
N ASP A 162 -22.03 -21.63 24.67
CA ASP A 162 -21.61 -22.04 23.29
C ASP A 162 -21.03 -20.83 22.51
N ILE A 163 -20.50 -19.83 23.21
CA ILE A 163 -19.78 -18.67 22.60
C ILE A 163 -18.40 -19.20 22.19
N VAL A 164 -17.99 -18.95 20.94
CA VAL A 164 -16.73 -19.55 20.41
C VAL A 164 -15.57 -18.64 20.85
N VAL A 165 -14.43 -19.25 21.11
CA VAL A 165 -13.19 -18.56 21.56
C VAL A 165 -12.17 -18.81 20.46
N ILE A 166 -11.65 -17.72 19.89
CA ILE A 166 -10.61 -17.80 18.83
C ILE A 166 -9.44 -17.03 19.40
N GLU A 167 -8.24 -17.63 19.38
CA GLU A 167 -7.04 -17.10 20.04
C GLU A 167 -5.92 -17.01 18.98
N GLY A 168 -4.93 -16.15 19.22
CA GLY A 168 -3.70 -16.05 18.41
C GLY A 168 -3.88 -15.16 17.19
N LEU A 169 -4.89 -14.31 17.13
CA LEU A 169 -5.11 -13.47 15.92
C LEU A 169 -3.97 -12.47 15.78
N GLN A 170 -3.72 -11.99 14.56
CA GLN A 170 -2.68 -10.94 14.29
C GLN A 170 -3.40 -9.73 13.70
N LEU A 171 -3.87 -8.81 14.54
CA LEU A 171 -4.75 -7.69 14.11
C LEU A 171 -4.03 -6.34 14.10
N ALA A 172 -2.71 -6.29 13.87
CA ALA A 172 -1.95 -5.00 13.81
C ALA A 172 -2.39 -4.17 12.61
N ASP A 173 -2.49 -4.81 11.45
CA ASP A 173 -2.76 -4.18 10.13
C ASP A 173 -4.27 -4.12 9.85
N VAL A 174 -5.12 -4.19 10.89
CA VAL A 174 -6.61 -4.33 10.73
C VAL A 174 -7.30 -3.11 11.38
N GLU A 175 -7.95 -2.31 10.54
CA GLU A 175 -8.75 -1.13 10.96
C GLU A 175 -10.03 -1.63 11.64
N GLU A 176 -10.34 -1.09 12.84
CA GLU A 176 -11.67 -1.21 13.48
C GLU A 176 -12.75 -1.20 12.39
N GLY A 177 -13.74 -2.09 12.47
CA GLY A 177 -14.89 -2.07 11.57
C GLY A 177 -15.36 -3.48 11.24
N SER A 178 -16.40 -3.57 10.39
CA SER A 178 -16.99 -4.85 9.94
C SER A 178 -16.10 -5.48 8.87
N TYR A 179 -16.01 -6.81 8.87
CA TYR A 179 -15.41 -7.62 7.78
C TYR A 179 -16.22 -8.90 7.62
N PHE A 180 -15.94 -9.67 6.56
CA PHE A 180 -16.34 -11.10 6.47
C PHE A 180 -15.19 -11.94 7.00
N MET A 181 -15.39 -12.68 8.09
CA MET A 181 -14.37 -13.55 8.72
C MET A 181 -14.47 -14.96 8.11
N ILE A 182 -13.32 -15.49 7.68
CA ILE A 182 -13.11 -16.94 7.39
C ILE A 182 -12.22 -17.47 8.52
N ALA A 183 -12.80 -18.06 9.56
CA ALA A 183 -12.01 -18.73 10.60
C ALA A 183 -12.09 -20.23 10.30
N ALA A 184 -11.12 -20.75 9.54
CA ALA A 184 -11.20 -22.10 8.93
C ALA A 184 -10.30 -23.05 9.71
N PRO A 185 -10.84 -23.86 10.65
CA PRO A 185 -10.01 -24.72 11.49
C PRO A 185 -9.62 -26.00 10.74
N LEU A 186 -8.45 -26.54 11.03
CA LEU A 186 -8.06 -27.91 10.62
C LEU A 186 -9.16 -28.87 11.07
N ASN A 187 -9.67 -29.73 10.17
CA ASN A 187 -10.86 -30.59 10.42
C ASN A 187 -10.48 -31.81 11.29
N ILE A 188 -9.75 -31.58 12.38
CA ILE A 188 -9.36 -32.64 13.36
C ILE A 188 -10.60 -32.97 14.19
N GLN A 189 -10.90 -34.24 14.42
CA GLN A 189 -12.15 -34.68 15.10
C GLN A 189 -11.84 -34.91 16.57
N GLY A 190 -12.81 -34.60 17.44
CA GLY A 190 -12.77 -34.94 18.88
C GLY A 190 -11.59 -34.34 19.61
N THR A 191 -11.33 -33.04 19.41
CA THR A 191 -10.21 -32.34 20.09
C THR A 191 -10.72 -31.10 20.84
N ASP A 192 -9.84 -30.55 21.69
CA ASP A 192 -10.12 -29.42 22.62
C ASP A 192 -9.88 -28.11 21.89
N ALA A 193 -9.22 -28.19 20.75
CA ALA A 193 -8.97 -27.04 19.88
C ALA A 193 -8.46 -27.57 18.56
N SER A 194 -8.38 -26.70 17.55
CA SER A 194 -7.80 -27.00 16.22
C SER A 194 -7.18 -25.72 15.64
N PRO A 195 -5.93 -25.77 15.16
CA PRO A 195 -5.30 -24.60 14.57
C PRO A 195 -6.20 -24.12 13.41
N ALA A 196 -6.28 -22.81 13.22
CA ALA A 196 -7.18 -22.19 12.23
C ALA A 196 -6.39 -21.21 11.35
N ARG A 197 -6.76 -21.16 10.07
CA ARG A 197 -6.37 -20.09 9.15
C ARG A 197 -7.56 -19.11 9.19
N VAL A 198 -7.35 -17.92 9.73
CA VAL A 198 -8.40 -16.87 9.80
C VAL A 198 -8.07 -15.79 8.74
N LEU A 199 -9.07 -15.49 7.90
CA LEU A 199 -8.92 -14.50 6.82
C LEU A 199 -10.00 -13.44 7.03
N LEU A 200 -9.74 -12.20 6.61
CA LEU A 200 -10.76 -11.13 6.68
C LEU A 200 -10.90 -10.53 5.29
N LEU A 201 -12.11 -10.49 4.77
CA LEU A 201 -12.47 -9.92 3.44
C LEU A 201 -13.16 -8.57 3.65
N ASP A 202 -13.10 -7.68 2.65
CA ASP A 202 -13.79 -6.36 2.71
C ASP A 202 -14.97 -6.30 1.72
N ASN A 203 -15.63 -7.42 1.43
CA ASN A 203 -16.79 -7.53 0.47
C ASN A 203 -17.88 -6.47 0.75
N TRP A 204 -18.27 -6.25 2.02
CA TRP A 204 -19.27 -5.24 2.49
C TRP A 204 -20.57 -5.30 1.67
N LYS A 205 -21.43 -6.29 1.95
CA LYS A 205 -22.79 -6.38 1.35
C LYS A 205 -23.64 -7.34 2.19
N MET B 1 -27.53 -18.75 1.22
CA MET B 1 -26.06 -18.83 1.46
C MET B 1 -25.77 -20.10 2.27
N LYS B 2 -25.50 -21.23 1.58
CA LYS B 2 -25.07 -22.51 2.22
C LYS B 2 -23.56 -22.67 2.05
N ILE B 3 -22.90 -23.16 3.09
CA ILE B 3 -21.48 -23.64 3.04
C ILE B 3 -21.52 -25.15 2.85
N ILE B 4 -20.88 -25.65 1.80
CA ILE B 4 -20.59 -27.11 1.66
C ILE B 4 -19.16 -27.32 2.14
N ASP B 5 -18.98 -28.11 3.19
CA ASP B 5 -17.64 -28.50 3.70
C ASP B 5 -17.16 -29.72 2.91
N ILE B 6 -16.23 -29.52 1.99
CA ILE B 6 -15.66 -30.59 1.12
C ILE B 6 -14.27 -31.02 1.65
N THR B 7 -14.04 -30.86 2.97
CA THR B 7 -12.79 -31.25 3.66
C THR B 7 -12.97 -32.66 4.25
N ALA B 8 -11.88 -33.42 4.29
CA ALA B 8 -11.85 -34.79 4.86
C ALA B 8 -11.72 -34.70 6.37
N PRO B 9 -12.47 -35.51 7.15
CA PRO B 9 -12.22 -35.58 8.59
C PRO B 9 -10.82 -36.14 8.87
N ILE B 10 -10.12 -35.52 9.84
CA ILE B 10 -8.77 -35.95 10.34
C ILE B 10 -8.93 -36.65 11.69
N TYR B 11 -8.57 -37.93 11.77
CA TYR B 11 -8.71 -38.80 12.96
C TYR B 11 -7.81 -40.05 12.80
N GLU B 12 -7.30 -40.59 13.90
CA GLU B 12 -6.65 -41.92 13.87
C GLU B 12 -7.64 -42.92 13.25
N GLY B 13 -7.20 -43.61 12.17
CA GLY B 13 -7.97 -44.62 11.43
C GLY B 13 -8.47 -44.07 10.10
N MET B 14 -8.15 -42.80 9.82
CA MET B 14 -8.73 -42.17 8.61
C MET B 14 -8.11 -42.85 7.39
N PRO B 15 -8.82 -42.86 6.25
CA PRO B 15 -8.22 -43.22 4.97
C PRO B 15 -6.90 -42.45 4.77
N VAL B 16 -5.78 -43.16 4.66
CA VAL B 16 -4.45 -42.59 4.30
C VAL B 16 -3.90 -43.35 3.07
N TYR B 17 -2.87 -42.78 2.44
CA TYR B 17 -2.35 -43.29 1.15
C TYR B 17 -1.83 -44.72 1.32
N LYS B 18 -2.30 -45.62 0.45
CA LYS B 18 -1.90 -47.07 0.42
C LYS B 18 -2.16 -47.69 1.79
N ASN B 19 -3.06 -47.09 2.58
CA ASN B 19 -3.40 -47.46 3.98
C ASN B 19 -2.12 -47.65 4.82
N LYS B 20 -1.05 -46.92 4.52
CA LYS B 20 0.30 -47.05 5.16
C LYS B 20 0.21 -46.64 6.63
N PRO B 21 0.47 -47.55 7.61
CA PRO B 21 0.28 -47.21 9.02
C PRO B 21 0.96 -45.92 9.47
N GLU B 22 2.11 -45.56 8.88
CA GLU B 22 2.97 -44.43 9.30
C GLU B 22 2.47 -43.10 8.74
N LYS B 23 1.53 -43.14 7.78
CA LYS B 23 0.92 -41.93 7.16
C LYS B 23 -0.30 -41.50 7.99
N GLN B 24 -0.63 -42.29 9.02
CA GLN B 24 -1.74 -42.05 9.97
C GLN B 24 -1.34 -40.91 10.90
N PRO B 25 -2.28 -40.03 11.29
CA PRO B 25 -2.00 -39.03 12.31
C PRO B 25 -2.04 -39.66 13.71
N SER B 26 -1.32 -39.05 14.66
CA SER B 26 -1.43 -39.33 16.11
C SER B 26 -1.84 -38.05 16.85
N ILE B 27 -2.81 -38.18 17.76
CA ILE B 27 -3.22 -37.11 18.70
C ILE B 27 -2.93 -37.60 20.13
N THR B 28 -2.07 -36.88 20.84
CA THR B 28 -1.80 -37.10 22.28
C THR B 28 -2.57 -36.02 23.05
N THR B 29 -3.19 -36.40 24.17
CA THR B 29 -4.00 -35.50 25.04
C THR B 29 -3.44 -35.56 26.47
N GLN B 30 -3.85 -34.63 27.32
CA GLN B 30 -3.46 -34.54 28.75
C GLN B 30 -4.52 -33.71 29.47
N THR B 31 -5.08 -34.22 30.56
CA THR B 31 -6.11 -33.48 31.34
C THR B 31 -5.63 -33.32 32.78
N ASN B 32 -4.98 -32.19 33.06
CA ASN B 32 -4.65 -31.74 34.44
C ASN B 32 -5.85 -30.95 34.96
N GLY B 33 -6.84 -31.65 35.52
CA GLY B 33 -8.05 -31.04 36.12
C GLY B 33 -9.19 -31.01 35.13
N HIS B 34 -9.69 -29.82 34.78
CA HIS B 34 -10.72 -29.66 33.71
C HIS B 34 -10.08 -29.16 32.42
N VAL B 35 -8.78 -28.84 32.47
CA VAL B 35 -7.99 -28.34 31.31
C VAL B 35 -7.57 -29.55 30.47
N THR B 36 -8.11 -29.65 29.26
CA THR B 36 -7.75 -30.70 28.27
C THR B 36 -6.98 -30.07 27.11
N GLU B 37 -5.73 -30.51 26.88
CA GLU B 37 -4.78 -29.96 25.88
C GLU B 37 -4.18 -31.09 25.04
N SER B 38 -4.25 -30.96 23.70
CA SER B 38 -3.78 -31.98 22.73
C SER B 38 -2.61 -31.44 21.91
N ARG B 39 -1.94 -32.38 21.23
CA ARG B 39 -0.84 -32.21 20.26
C ARG B 39 -1.14 -33.18 19.11
N ILE B 40 -0.98 -32.75 17.86
CA ILE B 40 -1.33 -33.56 16.66
C ILE B 40 -0.05 -33.70 15.84
N CYS B 41 0.25 -34.90 15.41
CA CYS B 41 1.31 -35.19 14.41
C CYS B 41 0.59 -35.68 13.18
N MET B 42 0.94 -35.13 12.02
CA MET B 42 0.30 -35.50 10.74
C MET B 42 1.23 -35.16 9.58
N ASP B 43 1.20 -36.04 8.57
CA ASP B 43 1.78 -35.79 7.24
C ASP B 43 1.08 -34.56 6.65
N VAL B 44 1.84 -33.64 6.07
CA VAL B 44 1.27 -32.44 5.38
C VAL B 44 0.36 -32.91 4.22
N HIS B 45 0.58 -34.12 3.68
CA HIS B 45 -0.24 -34.72 2.58
C HIS B 45 -1.38 -35.60 3.12
N THR B 46 -1.99 -35.19 4.22
CA THR B 46 -3.09 -35.90 4.92
C THR B 46 -4.41 -35.30 4.40
N GLY B 47 -5.43 -36.12 4.16
CA GLY B 47 -6.75 -35.63 3.75
C GLY B 47 -6.70 -34.42 2.83
N THR B 48 -7.44 -33.37 3.20
CA THR B 48 -7.66 -32.21 2.31
C THR B 48 -6.42 -31.34 2.48
N HIS B 49 -5.61 -31.25 1.43
CA HIS B 49 -4.34 -30.47 1.49
C HIS B 49 -4.03 -29.79 0.17
N VAL B 50 -3.08 -28.86 0.22
CA VAL B 50 -2.58 -28.12 -0.97
C VAL B 50 -1.10 -28.48 -1.15
N ASP B 51 -0.76 -29.08 -2.31
CA ASP B 51 0.64 -29.42 -2.67
C ASP B 51 1.35 -28.11 -3.05
N ALA B 52 2.67 -28.03 -2.85
CA ALA B 52 3.55 -26.89 -3.22
C ALA B 52 4.54 -27.38 -4.26
N PRO B 53 5.13 -26.52 -5.10
CA PRO B 53 6.14 -27.01 -6.06
C PRO B 53 7.27 -27.85 -5.42
N LEU B 54 7.66 -27.57 -4.18
CA LEU B 54 8.79 -28.29 -3.50
C LEU B 54 8.55 -29.81 -3.52
N HIS B 55 7.31 -30.25 -3.34
CA HIS B 55 6.86 -31.61 -3.72
C HIS B 55 7.02 -31.79 -5.24
N MET B 56 8.04 -32.52 -5.69
CA MET B 56 8.37 -32.75 -7.14
C MET B 56 9.46 -31.79 -7.64
N MET B 57 9.97 -30.88 -6.81
CA MET B 57 11.20 -30.11 -7.15
C MET B 57 12.12 -30.09 -5.92
N ASN B 58 13.10 -29.18 -5.88
CA ASN B 58 14.09 -29.11 -4.76
C ASN B 58 14.53 -27.67 -4.50
N ASP B 59 14.68 -26.87 -5.54
CA ASP B 59 14.62 -25.40 -5.45
C ASP B 59 13.18 -25.01 -5.81
N GLY B 60 12.22 -25.83 -5.41
CA GLY B 60 10.79 -25.62 -5.70
C GLY B 60 10.17 -24.72 -4.66
N LYS B 61 9.23 -23.88 -5.10
CA LYS B 61 8.50 -22.93 -4.21
C LYS B 61 7.78 -23.73 -3.13
N THR B 62 7.67 -23.16 -1.94
CA THR B 62 7.06 -23.81 -0.75
C THR B 62 5.58 -23.45 -0.67
N ILE B 63 4.87 -24.01 0.31
CA ILE B 63 3.56 -23.47 0.79
C ILE B 63 3.86 -22.18 1.55
N GLU B 64 3.34 -21.06 1.06
CA GLU B 64 3.59 -19.68 1.57
C GLU B 64 3.70 -18.80 0.34
N THR B 65 4.52 -19.27 -0.61
CA THR B 65 4.76 -18.61 -1.92
C THR B 65 3.47 -18.68 -2.74
N ILE B 66 2.50 -19.54 -2.38
CA ILE B 66 1.17 -19.59 -3.08
C ILE B 66 0.22 -18.68 -2.29
N SER B 67 -0.21 -17.59 -2.94
CA SER B 67 -0.98 -16.49 -2.30
C SER B 67 -2.42 -16.97 -2.04
N ILE B 68 -2.99 -16.56 -0.91
CA ILE B 68 -4.39 -16.88 -0.50
C ILE B 68 -5.37 -16.40 -1.57
N GLU B 69 -5.00 -15.37 -2.32
CA GLU B 69 -5.85 -14.81 -3.39
C GLU B 69 -6.07 -15.90 -4.44
N LYS B 70 -5.11 -16.80 -4.60
CA LYS B 70 -5.21 -17.94 -5.56
C LYS B 70 -6.03 -19.09 -4.95
N LEU B 71 -6.31 -19.06 -3.65
CA LEU B 71 -7.00 -20.19 -2.96
C LEU B 71 -8.39 -19.77 -2.48
N VAL B 72 -8.61 -18.47 -2.28
CA VAL B 72 -9.91 -17.89 -1.80
C VAL B 72 -10.51 -17.08 -2.94
N ARG B 73 -11.07 -17.78 -3.93
CA ARG B 73 -11.46 -17.24 -5.24
C ARG B 73 -12.62 -18.06 -5.78
N PRO B 74 -13.24 -17.67 -6.92
CA PRO B 74 -14.20 -18.55 -7.59
C PRO B 74 -13.59 -19.79 -8.26
N CYS B 75 -14.38 -20.85 -8.28
CA CYS B 75 -13.96 -22.18 -8.75
C CYS B 75 -15.10 -22.79 -9.56
N LYS B 76 -14.82 -23.90 -10.23
CA LYS B 76 -15.79 -24.65 -11.06
C LYS B 76 -15.58 -26.14 -10.78
N VAL B 77 -16.64 -26.82 -10.33
CA VAL B 77 -16.64 -28.29 -10.10
C VAL B 77 -17.01 -28.98 -11.41
N ILE B 78 -16.15 -29.86 -11.91
CA ILE B 78 -16.41 -30.66 -13.15
C ILE B 78 -16.72 -32.11 -12.75
N ASP B 79 -17.91 -32.60 -13.10
CA ASP B 79 -18.34 -34.00 -12.81
C ASP B 79 -17.69 -34.93 -13.83
N LEU B 80 -16.71 -35.71 -13.37
CA LEU B 80 -16.03 -36.76 -14.19
C LEU B 80 -16.25 -38.11 -13.51
N THR B 81 -17.44 -38.30 -12.90
CA THR B 81 -17.84 -39.52 -12.17
C THR B 81 -18.17 -40.63 -13.17
N HIS B 82 -18.36 -40.27 -14.44
CA HIS B 82 -18.52 -41.19 -15.58
C HIS B 82 -17.17 -41.76 -16.03
N VAL B 83 -16.05 -41.23 -15.51
CA VAL B 83 -14.69 -41.59 -15.99
C VAL B 83 -14.28 -42.88 -15.29
N HIS B 84 -13.64 -43.82 -16.03
CA HIS B 84 -13.03 -45.05 -15.47
C HIS B 84 -11.51 -44.95 -15.58
N GLU B 85 -10.81 -45.44 -14.55
CA GLU B 85 -9.32 -45.58 -14.48
C GLU B 85 -8.66 -44.21 -14.25
N LYS B 86 -8.71 -43.31 -15.25
CA LYS B 86 -7.94 -42.03 -15.29
C LYS B 86 -8.70 -40.99 -16.10
N ILE B 87 -8.50 -39.71 -15.76
CA ILE B 87 -9.01 -38.54 -16.54
C ILE B 87 -8.03 -38.31 -17.69
N THR B 88 -8.54 -38.18 -18.91
CA THR B 88 -7.75 -38.00 -20.16
C THR B 88 -8.05 -36.62 -20.74
N LYS B 89 -7.28 -36.20 -21.74
CA LYS B 89 -7.46 -34.88 -22.43
C LYS B 89 -8.86 -34.83 -23.04
N SER B 90 -9.43 -36.00 -23.37
CA SER B 90 -10.79 -36.12 -23.96
C SER B 90 -11.80 -35.55 -22.97
N ASP B 91 -11.78 -36.05 -21.73
CA ASP B 91 -12.77 -35.70 -20.68
C ASP B 91 -12.68 -34.21 -20.30
N VAL B 92 -11.55 -33.53 -20.54
CA VAL B 92 -11.35 -32.10 -20.13
C VAL B 92 -11.31 -31.18 -21.36
N GLU B 93 -11.26 -31.72 -22.58
CA GLU B 93 -11.38 -30.89 -23.80
C GLU B 93 -12.81 -30.34 -23.87
N ASN B 94 -13.80 -31.21 -23.65
CA ASN B 94 -15.25 -30.96 -23.88
C ASN B 94 -15.88 -30.15 -22.73
N ALA B 95 -15.10 -29.74 -21.73
CA ALA B 95 -15.61 -28.98 -20.57
C ALA B 95 -15.31 -27.49 -20.74
N ASP B 96 -16.11 -26.62 -20.12
CA ASP B 96 -15.82 -25.17 -20.01
C ASP B 96 -14.61 -25.04 -19.07
N ILE B 97 -13.41 -24.91 -19.64
CA ILE B 97 -12.09 -24.85 -18.92
C ILE B 97 -11.21 -23.79 -19.59
N GLN B 98 -11.11 -22.59 -19.01
CA GLN B 98 -10.42 -21.44 -19.65
C GLN B 98 -9.07 -21.20 -18.96
N LYS B 99 -8.42 -20.07 -19.28
CA LYS B 99 -7.23 -19.58 -18.57
C LYS B 99 -7.68 -19.05 -17.20
N ASP B 100 -6.83 -19.21 -16.17
CA ASP B 100 -7.02 -18.71 -14.78
C ASP B 100 -8.27 -19.35 -14.16
N ASP B 101 -8.69 -20.51 -14.68
CA ASP B 101 -9.80 -21.32 -14.12
C ASP B 101 -9.25 -22.16 -12.96
N PHE B 102 -9.96 -22.21 -11.85
CA PHE B 102 -9.68 -23.17 -10.76
C PHE B 102 -10.72 -24.29 -10.83
N ILE B 103 -10.31 -25.46 -11.33
CA ILE B 103 -11.28 -26.57 -11.58
C ILE B 103 -11.15 -27.64 -10.49
N LEU B 104 -12.27 -27.96 -9.84
CA LEU B 104 -12.36 -29.07 -8.85
C LEU B 104 -13.03 -30.24 -9.55
N LEU B 105 -12.41 -31.42 -9.53
CA LEU B 105 -12.94 -32.57 -10.31
C LEU B 105 -13.58 -33.62 -9.39
N LYS B 106 -14.91 -33.75 -9.46
CA LYS B 106 -15.72 -34.76 -8.74
C LYS B 106 -15.70 -36.07 -9.54
N THR B 107 -14.98 -37.08 -9.07
CA THR B 107 -14.89 -38.43 -9.70
C THR B 107 -15.38 -39.49 -8.72
N LYS B 108 -15.37 -40.75 -9.13
CA LYS B 108 -16.05 -41.83 -8.36
C LYS B 108 -15.28 -42.12 -7.07
N ASN B 109 -14.22 -41.36 -6.79
CA ASN B 109 -13.43 -41.46 -5.54
C ASN B 109 -14.21 -40.78 -4.42
N SER B 110 -14.94 -39.71 -4.77
CA SER B 110 -15.85 -38.98 -3.85
C SER B 110 -16.75 -39.98 -3.14
N PHE B 111 -16.95 -41.16 -3.72
CA PHE B 111 -17.92 -42.18 -3.24
C PHE B 111 -17.21 -43.39 -2.61
N ASP B 112 -15.88 -43.38 -2.51
CA ASP B 112 -15.10 -44.39 -1.76
C ASP B 112 -14.91 -43.89 -0.32
N LYS B 113 -15.37 -44.68 0.66
CA LYS B 113 -15.25 -44.36 2.11
C LYS B 113 -13.86 -44.77 2.61
N GLU B 114 -13.29 -45.79 1.96
CA GLU B 114 -11.93 -46.26 2.32
C GLU B 114 -11.02 -45.95 1.14
N PHE B 115 -9.71 -46.06 1.35
CA PHE B 115 -8.75 -45.82 0.25
C PHE B 115 -8.95 -46.84 -0.87
N ASN B 116 -8.98 -46.38 -2.11
CA ASN B 116 -9.02 -47.29 -3.28
C ASN B 116 -7.69 -47.12 -4.03
N PHE B 117 -6.98 -48.21 -4.29
CA PHE B 117 -5.64 -48.16 -4.94
C PHE B 117 -5.80 -47.87 -6.42
N ASP B 118 -7.01 -48.09 -6.97
CA ASP B 118 -7.33 -47.87 -8.41
C ASP B 118 -8.19 -46.60 -8.48
N PHE B 119 -7.82 -45.56 -7.73
CA PHE B 119 -8.56 -44.26 -7.66
C PHE B 119 -8.40 -43.58 -9.02
N ILE B 120 -9.45 -42.89 -9.49
CA ILE B 120 -9.43 -42.06 -10.73
C ILE B 120 -8.38 -40.96 -10.52
N TYR B 121 -7.52 -40.75 -11.49
CA TYR B 121 -6.38 -39.81 -11.37
C TYR B 121 -6.32 -38.95 -12.63
N LEU B 122 -5.62 -37.81 -12.53
CA LEU B 122 -5.38 -36.91 -13.68
C LEU B 122 -4.15 -37.43 -14.42
N ALA B 123 -4.35 -37.97 -15.62
CA ALA B 123 -3.24 -38.45 -16.47
C ALA B 123 -2.41 -37.27 -16.99
N GLU B 124 -1.18 -37.54 -17.41
CA GLU B 124 -0.25 -36.53 -17.96
C GLU B 124 -0.94 -35.84 -19.14
N ASP B 125 -1.46 -36.63 -20.09
CA ASP B 125 -2.15 -36.08 -21.29
C ASP B 125 -3.18 -35.01 -20.84
N ALA B 126 -3.94 -35.26 -19.78
CA ALA B 126 -4.96 -34.31 -19.25
C ALA B 126 -4.27 -33.08 -18.66
N ALA B 127 -3.15 -33.27 -17.95
CA ALA B 127 -2.47 -32.21 -17.17
C ALA B 127 -1.75 -31.24 -18.14
N ARG B 128 -1.05 -31.78 -19.12
CA ARG B 128 -0.30 -31.03 -20.17
C ARG B 128 -1.25 -30.05 -20.88
N TYR B 129 -2.45 -30.53 -21.22
CA TYR B 129 -3.57 -29.69 -21.73
C TYR B 129 -3.80 -28.58 -20.70
N LEU B 130 -4.29 -28.95 -19.52
CA LEU B 130 -4.67 -27.99 -18.44
C LEU B 130 -3.57 -26.93 -18.29
N ALA B 131 -2.29 -27.32 -18.38
CA ALA B 131 -1.13 -26.39 -18.26
C ALA B 131 -1.07 -25.42 -19.44
N GLU B 132 -1.17 -25.91 -20.69
CA GLU B 132 -1.10 -25.05 -21.91
C GLU B 132 -2.41 -24.26 -22.06
N ILE B 133 -3.53 -24.77 -21.55
CA ILE B 133 -4.84 -24.03 -21.48
C ILE B 133 -4.69 -22.85 -20.51
N GLY B 134 -3.87 -22.99 -19.46
CA GLY B 134 -3.50 -21.89 -18.55
C GLY B 134 -4.46 -21.78 -17.37
N ILE B 135 -4.91 -22.92 -16.84
CA ILE B 135 -5.77 -22.97 -15.60
C ILE B 135 -4.94 -22.42 -14.43
N ALA B 136 -5.63 -21.95 -13.38
CA ALA B 136 -5.02 -21.38 -12.16
C ALA B 136 -4.71 -22.52 -11.19
N GLY B 137 -5.66 -23.44 -11.03
CA GLY B 137 -5.48 -24.59 -10.13
C GLY B 137 -6.50 -25.70 -10.37
N VAL B 138 -6.09 -26.93 -10.03
CA VAL B 138 -6.95 -28.12 -10.17
C VAL B 138 -7.03 -28.82 -8.80
N GLY B 139 -8.26 -29.17 -8.43
CA GLY B 139 -8.52 -29.97 -7.24
C GLY B 139 -9.10 -31.30 -7.67
N ILE B 140 -8.75 -32.35 -6.92
CA ILE B 140 -9.14 -33.77 -7.20
C ILE B 140 -9.69 -34.33 -5.89
N ASP B 141 -10.59 -35.30 -5.94
CA ASP B 141 -11.20 -35.88 -4.72
C ASP B 141 -10.44 -37.15 -4.31
N SER B 142 -9.12 -37.10 -4.41
CA SER B 142 -8.18 -38.23 -4.19
C SER B 142 -6.95 -37.70 -3.46
N LEU B 143 -6.39 -38.44 -2.52
CA LEU B 143 -5.22 -37.99 -1.72
C LEU B 143 -4.01 -37.70 -2.62
N GLY B 144 -3.94 -38.33 -3.79
CA GLY B 144 -2.90 -38.07 -4.80
C GLY B 144 -3.50 -37.78 -6.16
N ILE B 145 -2.89 -36.90 -6.93
CA ILE B 145 -3.54 -36.40 -8.18
C ILE B 145 -3.16 -37.36 -9.30
N GLU B 146 -2.22 -38.27 -9.03
CA GLU B 146 -1.71 -39.21 -10.06
C GLU B 146 -1.23 -40.51 -9.41
N ARG B 147 -1.28 -41.57 -10.20
CA ARG B 147 -0.76 -42.92 -9.86
C ARG B 147 -0.34 -43.56 -11.18
N ALA B 148 0.43 -44.66 -11.13
CA ALA B 148 0.83 -45.46 -12.30
C ALA B 148 1.59 -44.57 -13.31
N GLN B 149 2.23 -43.49 -12.84
CA GLN B 149 3.01 -42.55 -13.68
C GLN B 149 4.32 -42.26 -12.99
N PRO B 150 5.39 -43.07 -13.24
CA PRO B 150 6.70 -42.81 -12.66
C PRO B 150 7.39 -41.59 -13.32
N GLU B 151 8.06 -40.78 -12.48
CA GLU B 151 8.69 -39.44 -12.76
C GLU B 151 7.64 -38.32 -12.59
N HIS B 152 6.42 -38.70 -12.16
CA HIS B 152 5.28 -37.84 -11.76
C HIS B 152 5.01 -36.73 -12.77
N PRO B 153 4.67 -37.06 -14.05
CA PRO B 153 4.47 -36.03 -15.06
C PRO B 153 3.24 -35.15 -14.80
N THR B 154 2.14 -35.71 -14.26
CA THR B 154 0.93 -34.91 -13.96
C THR B 154 1.34 -33.74 -13.05
N HIS B 155 1.81 -34.04 -11.84
CA HIS B 155 2.27 -33.06 -10.81
C HIS B 155 3.26 -32.07 -11.43
N ARG B 156 4.30 -32.59 -12.08
CA ARG B 156 5.45 -31.79 -12.60
C ARG B 156 4.94 -30.77 -13.64
N ALA B 157 3.88 -31.14 -14.38
CA ALA B 157 3.30 -30.36 -15.51
C ALA B 157 2.44 -29.22 -14.98
N LEU B 158 1.88 -29.38 -13.79
CA LEU B 158 1.08 -28.31 -13.15
C LEU B 158 2.04 -27.35 -12.44
N MET B 159 2.92 -27.84 -11.56
CA MET B 159 3.78 -26.99 -10.69
C MET B 159 4.84 -26.25 -11.53
N ASP B 160 5.08 -26.71 -12.77
CA ASP B 160 5.99 -26.05 -13.75
C ASP B 160 5.37 -24.71 -14.17
N LYS B 161 4.06 -24.71 -14.48
CA LYS B 161 3.27 -23.51 -14.85
C LYS B 161 2.64 -22.85 -13.62
N ASP B 162 3.19 -23.12 -12.43
CA ASP B 162 2.74 -22.59 -11.11
C ASP B 162 1.22 -22.75 -10.98
N ILE B 163 0.72 -23.97 -11.27
CA ILE B 163 -0.72 -24.34 -11.11
C ILE B 163 -0.87 -25.05 -9.77
N VAL B 164 -1.64 -24.45 -8.86
CA VAL B 164 -1.80 -24.96 -7.45
C VAL B 164 -2.56 -26.28 -7.53
N VAL B 165 -2.06 -27.30 -6.84
CA VAL B 165 -2.71 -28.64 -6.83
C VAL B 165 -3.40 -28.81 -5.48
N ILE B 166 -4.71 -29.13 -5.48
CA ILE B 166 -5.46 -29.49 -4.26
C ILE B 166 -5.87 -30.97 -4.35
N GLU B 167 -5.43 -31.77 -3.37
CA GLU B 167 -5.75 -33.21 -3.29
C GLU B 167 -6.65 -33.42 -2.05
N GLY B 168 -7.44 -34.50 -2.04
CA GLY B 168 -8.21 -34.95 -0.85
C GLY B 168 -9.57 -34.29 -0.68
N LEU B 169 -10.22 -33.88 -1.77
CA LEU B 169 -11.54 -33.19 -1.68
C LEU B 169 -12.64 -34.25 -1.53
N GLN B 170 -13.70 -33.89 -0.81
CA GLN B 170 -14.88 -34.75 -0.56
C GLN B 170 -16.07 -34.13 -1.28
N LEU B 171 -16.26 -34.45 -2.56
CA LEU B 171 -17.20 -33.69 -3.41
C LEU B 171 -18.51 -34.45 -3.62
N ALA B 172 -18.82 -35.46 -2.80
CA ALA B 172 -20.01 -36.31 -3.00
C ALA B 172 -21.29 -35.44 -3.18
N ASP B 173 -21.61 -34.55 -2.23
CA ASP B 173 -22.89 -33.78 -2.18
C ASP B 173 -22.70 -32.42 -2.85
N VAL B 174 -21.97 -32.40 -3.95
CA VAL B 174 -21.71 -31.16 -4.74
C VAL B 174 -22.14 -31.44 -6.18
N GLU B 175 -22.88 -30.49 -6.78
CA GLU B 175 -23.37 -30.55 -8.18
C GLU B 175 -22.36 -29.80 -9.05
N GLU B 176 -22.07 -30.31 -10.25
CA GLU B 176 -21.23 -29.62 -11.24
C GLU B 176 -21.74 -28.18 -11.31
N GLY B 177 -20.84 -27.20 -11.44
CA GLY B 177 -21.21 -25.77 -11.40
C GLY B 177 -20.14 -24.91 -10.76
N SER B 178 -20.30 -23.58 -10.85
CA SER B 178 -19.34 -22.58 -10.33
C SER B 178 -19.71 -22.24 -8.88
N TYR B 179 -18.70 -22.04 -8.02
CA TYR B 179 -18.84 -21.80 -6.56
C TYR B 179 -17.79 -20.80 -6.11
N PHE B 180 -17.94 -20.25 -4.89
CA PHE B 180 -16.84 -19.52 -4.23
C PHE B 180 -16.04 -20.48 -3.34
N MET B 181 -14.82 -20.80 -3.78
CA MET B 181 -13.91 -21.75 -3.11
C MET B 181 -13.14 -21.03 -2.00
N ILE B 182 -13.22 -21.55 -0.77
CA ILE B 182 -12.32 -21.15 0.34
C ILE B 182 -11.40 -22.33 0.58
N ALA B 183 -10.15 -22.25 0.12
CA ALA B 183 -9.11 -23.29 0.36
C ALA B 183 -8.09 -22.71 1.34
N ALA B 184 -8.35 -22.88 2.64
CA ALA B 184 -7.59 -22.25 3.74
C ALA B 184 -6.61 -23.26 4.32
N PRO B 185 -5.32 -23.17 3.99
CA PRO B 185 -4.31 -24.06 4.57
C PRO B 185 -3.76 -23.55 5.91
N LEU B 186 -3.34 -24.49 6.76
CA LEU B 186 -2.54 -24.24 7.99
C LEU B 186 -1.36 -23.34 7.61
N ASN B 187 -1.07 -22.27 8.37
CA ASN B 187 -0.09 -21.23 7.95
C ASN B 187 1.33 -21.76 8.22
N ILE B 188 1.59 -22.99 7.78
CA ILE B 188 2.88 -23.71 7.93
C ILE B 188 3.83 -22.98 6.99
N GLN B 189 5.11 -22.86 7.33
CA GLN B 189 6.12 -22.12 6.52
C GLN B 189 7.13 -23.12 5.94
N GLY B 190 7.51 -22.92 4.67
CA GLY B 190 8.70 -23.54 4.05
C GLY B 190 8.54 -25.02 3.73
N THR B 191 7.31 -25.53 3.63
CA THR B 191 7.02 -26.99 3.53
C THR B 191 6.44 -27.33 2.14
N ASP B 192 6.45 -28.61 1.80
CA ASP B 192 6.08 -29.17 0.47
C ASP B 192 4.55 -29.27 0.30
N ALA B 193 3.78 -28.95 1.35
CA ALA B 193 2.31 -29.03 1.36
C ALA B 193 1.80 -28.44 2.66
N SER B 194 0.49 -28.25 2.76
CA SER B 194 -0.15 -27.86 4.03
C SER B 194 -1.57 -28.40 4.07
N PRO B 195 -1.98 -29.03 5.19
CA PRO B 195 -3.35 -29.52 5.34
C PRO B 195 -4.29 -28.32 5.25
N ALA B 196 -5.42 -28.46 4.60
CA ALA B 196 -6.31 -27.31 4.34
C ALA B 196 -7.75 -27.61 4.75
N ARG B 197 -8.46 -26.57 5.19
CA ARG B 197 -9.93 -26.50 5.23
C ARG B 197 -10.40 -25.94 3.88
N VAL B 198 -11.13 -26.72 3.09
CA VAL B 198 -11.72 -26.25 1.79
C VAL B 198 -13.24 -26.23 1.93
N LEU B 199 -13.80 -25.03 1.77
CA LEU B 199 -15.26 -24.76 1.82
C LEU B 199 -15.67 -24.32 0.43
N LEU B 200 -16.89 -24.64 0.00
CA LEU B 200 -17.50 -24.04 -1.21
C LEU B 200 -18.65 -23.17 -0.72
N LEU B 201 -18.83 -22.01 -1.33
CA LEU B 201 -20.04 -21.17 -1.13
C LEU B 201 -20.80 -21.15 -2.45
N ASP B 202 -22.13 -21.28 -2.38
CA ASP B 202 -23.09 -21.07 -3.49
C ASP B 202 -23.37 -19.58 -3.65
N ASN B 203 -22.33 -18.74 -3.52
CA ASN B 203 -22.43 -17.25 -3.49
C ASN B 203 -23.16 -16.78 -4.75
N TRP B 204 -22.87 -17.40 -5.89
CA TRP B 204 -23.41 -17.01 -7.22
C TRP B 204 -23.47 -15.48 -7.30
N LYS B 205 -22.48 -14.78 -6.72
CA LYS B 205 -22.37 -13.29 -6.68
C LYS B 205 -20.98 -12.89 -7.17
N MET C 1 -17.48 14.25 22.29
CA MET C 1 -17.10 14.68 20.91
C MET C 1 -15.63 15.10 20.87
N LYS C 2 -14.86 14.46 19.99
CA LYS C 2 -13.50 14.95 19.64
C LYS C 2 -13.65 15.97 18.51
N ILE C 3 -12.98 17.11 18.63
CA ILE C 3 -12.90 18.17 17.57
C ILE C 3 -11.51 18.07 16.92
N ILE C 4 -11.46 17.96 15.59
CA ILE C 4 -10.19 17.96 14.80
C ILE C 4 -10.09 19.31 14.07
N ASP C 5 -9.06 20.11 14.39
CA ASP C 5 -8.75 21.38 13.69
C ASP C 5 -7.99 21.05 12.41
N ILE C 6 -8.67 21.09 11.25
CA ILE C 6 -8.06 20.90 9.90
C ILE C 6 -7.71 22.26 9.29
N THR C 7 -7.40 23.26 10.14
CA THR C 7 -7.05 24.63 9.71
C THR C 7 -5.53 24.78 9.72
N ALA C 8 -4.98 25.49 8.74
CA ALA C 8 -3.54 25.77 8.63
C ALA C 8 -3.18 26.83 9.65
N PRO C 9 -1.96 26.78 10.24
CA PRO C 9 -1.47 27.89 11.07
C PRO C 9 -1.12 29.07 10.18
N ILE C 10 -1.54 30.28 10.56
CA ILE C 10 -1.20 31.54 9.85
C ILE C 10 -0.02 32.15 10.60
N TYR C 11 1.08 32.43 9.90
CA TYR C 11 2.34 32.96 10.47
C TYR C 11 3.21 33.46 9.32
N GLU C 12 3.97 34.54 9.49
CA GLU C 12 4.99 34.94 8.47
C GLU C 12 5.95 33.76 8.32
N GLY C 13 6.30 33.40 7.07
CA GLY C 13 7.14 32.23 6.75
C GLY C 13 6.35 30.95 6.50
N MET C 14 5.01 31.03 6.58
CA MET C 14 4.11 29.87 6.33
C MET C 14 4.21 29.49 4.86
N PRO C 15 3.71 28.30 4.46
CA PRO C 15 3.52 28.00 3.04
C PRO C 15 2.50 28.95 2.38
N VAL C 16 2.86 29.52 1.24
CA VAL C 16 1.93 30.33 0.39
C VAL C 16 2.07 29.90 -1.06
N TYR C 17 1.03 30.14 -1.86
CA TYR C 17 0.97 29.71 -3.28
C TYR C 17 2.23 30.17 -4.02
N LYS C 18 2.96 29.22 -4.61
CA LYS C 18 4.16 29.40 -5.47
C LYS C 18 5.28 30.12 -4.69
N ASN C 19 5.27 30.00 -3.37
CA ASN C 19 6.23 30.61 -2.40
C ASN C 19 6.47 32.09 -2.74
N LYS C 20 5.44 32.77 -3.27
CA LYS C 20 5.47 34.22 -3.55
C LYS C 20 5.52 34.95 -2.21
N PRO C 21 6.60 35.74 -1.93
CA PRO C 21 6.80 36.33 -0.60
C PRO C 21 5.74 37.38 -0.24
N GLU C 22 5.00 37.87 -1.23
CA GLU C 22 3.99 38.94 -1.11
C GLU C 22 2.66 38.36 -0.63
N LYS C 23 2.41 37.06 -0.87
CA LYS C 23 1.19 36.32 -0.43
C LYS C 23 1.32 36.01 1.07
N GLN C 24 2.52 36.17 1.61
CA GLN C 24 2.80 36.03 3.07
C GLN C 24 2.02 37.07 3.86
N PRO C 25 1.54 36.74 5.09
CA PRO C 25 0.95 37.74 5.95
C PRO C 25 1.99 38.65 6.63
N SER C 26 1.55 39.80 7.15
CA SER C 26 2.36 40.63 8.09
C SER C 26 1.57 40.86 9.38
N ILE C 27 2.27 41.18 10.46
CA ILE C 27 1.62 41.55 11.75
C ILE C 27 2.47 42.66 12.39
N THR C 28 1.83 43.78 12.70
CA THR C 28 2.44 44.89 13.48
C THR C 28 1.84 44.80 14.89
N THR C 29 2.70 44.81 15.91
CA THR C 29 2.32 44.72 17.34
C THR C 29 2.80 45.97 18.07
N GLN C 30 2.07 46.38 19.12
CA GLN C 30 2.40 47.56 19.95
C GLN C 30 2.15 47.17 21.40
N THR C 31 2.96 47.69 22.34
CA THR C 31 2.81 47.42 23.79
C THR C 31 2.80 48.74 24.58
N ASN C 32 1.64 49.09 25.12
CA ASN C 32 1.43 50.25 26.05
C ASN C 32 1.65 49.73 27.47
N GLY C 33 2.91 49.59 27.89
CA GLY C 33 3.23 48.93 29.17
C GLY C 33 2.78 47.48 29.15
N HIS C 34 1.56 47.18 29.57
CA HIS C 34 1.04 45.78 29.67
C HIS C 34 -0.22 45.56 28.80
N VAL C 35 -0.76 46.61 28.17
CA VAL C 35 -1.73 46.44 27.06
C VAL C 35 -0.91 46.19 25.77
N THR C 36 -1.19 45.08 25.08
CA THR C 36 -0.56 44.68 23.79
C THR C 36 -1.64 44.52 22.72
N GLU C 37 -1.44 45.10 21.53
CA GLU C 37 -2.45 45.15 20.44
C GLU C 37 -1.78 44.93 19.08
N SER C 38 -2.46 44.20 18.20
CA SER C 38 -1.87 43.82 16.89
C SER C 38 -2.79 44.16 15.71
N ARG C 39 -2.17 44.29 14.54
CA ARG C 39 -2.83 44.44 13.22
C ARG C 39 -2.25 43.37 12.28
N ILE C 40 -3.09 42.54 11.67
CA ILE C 40 -2.71 41.49 10.68
C ILE C 40 -3.01 42.06 9.30
N CYS C 41 -2.17 41.76 8.32
CA CYS C 41 -2.45 41.91 6.87
C CYS C 41 -2.24 40.54 6.25
N MET C 42 -3.24 40.03 5.56
CA MET C 42 -3.19 38.68 4.95
C MET C 42 -4.00 38.71 3.65
N ASP C 43 -3.57 37.92 2.68
CA ASP C 43 -4.30 37.64 1.42
C ASP C 43 -5.49 36.74 1.78
N VAL C 44 -6.68 37.07 1.29
CA VAL C 44 -7.96 36.43 1.70
C VAL C 44 -7.91 34.94 1.32
N HIS C 45 -7.00 34.55 0.43
CA HIS C 45 -6.74 33.14 0.01
C HIS C 45 -5.52 32.57 0.76
N THR C 46 -5.30 33.01 2.01
CA THR C 46 -4.20 32.53 2.88
C THR C 46 -4.68 31.26 3.59
N GLY C 47 -3.88 30.19 3.48
CA GLY C 47 -4.05 28.95 4.25
C GLY C 47 -5.45 28.42 4.09
N THR C 48 -6.09 28.02 5.17
CA THR C 48 -7.48 27.49 5.07
C THR C 48 -8.42 28.68 4.79
N HIS C 49 -9.14 28.61 3.68
CA HIS C 49 -10.05 29.70 3.25
C HIS C 49 -11.16 29.12 2.38
N VAL C 50 -12.28 29.84 2.28
CA VAL C 50 -13.43 29.50 1.39
C VAL C 50 -13.36 30.42 0.16
N ASP C 51 -13.27 29.86 -1.04
CA ASP C 51 -13.32 30.62 -2.32
C ASP C 51 -14.75 31.12 -2.49
N ALA C 52 -14.96 32.29 -3.12
CA ALA C 52 -16.32 32.78 -3.46
C ALA C 52 -16.49 32.88 -4.97
N PRO C 53 -17.72 32.68 -5.52
CA PRO C 53 -17.95 32.68 -6.97
C PRO C 53 -17.34 33.83 -7.79
N LEU C 54 -16.90 34.91 -7.14
CA LEU C 54 -16.33 36.12 -7.79
C LEU C 54 -14.84 35.93 -8.15
N HIS C 55 -14.18 34.87 -7.67
CA HIS C 55 -12.72 34.68 -7.87
C HIS C 55 -12.42 34.45 -9.36
N MET C 56 -13.40 33.98 -10.17
CA MET C 56 -13.21 33.61 -11.61
C MET C 56 -14.32 34.19 -12.51
N MET C 57 -15.02 35.22 -12.04
CA MET C 57 -16.18 35.91 -12.67
C MET C 57 -16.22 37.33 -12.10
N ASN C 58 -16.70 38.34 -12.84
CA ASN C 58 -16.84 39.71 -12.26
C ASN C 58 -18.31 39.99 -11.90
N ASP C 59 -19.24 39.29 -12.57
CA ASP C 59 -20.65 39.17 -12.15
C ASP C 59 -20.75 37.98 -11.19
N GLY C 60 -19.74 37.81 -10.31
CA GLY C 60 -19.60 36.65 -9.41
C GLY C 60 -20.04 36.99 -7.99
N LYS C 61 -20.83 36.11 -7.39
CA LYS C 61 -21.33 36.30 -6.00
C LYS C 61 -20.10 36.45 -5.10
N THR C 62 -20.22 37.22 -4.01
CA THR C 62 -19.10 37.49 -3.07
C THR C 62 -19.26 36.58 -1.83
N ILE C 63 -18.21 36.47 -1.00
CA ILE C 63 -18.31 35.89 0.38
C ILE C 63 -19.33 36.72 1.19
N GLU C 64 -20.43 36.09 1.60
CA GLU C 64 -21.62 36.71 2.26
C GLU C 64 -22.84 36.03 1.66
N THR C 65 -22.81 35.85 0.34
CA THR C 65 -23.84 35.19 -0.49
C THR C 65 -23.74 33.69 -0.29
N ILE C 66 -22.56 33.16 0.09
CA ILE C 66 -22.45 31.73 0.51
C ILE C 66 -22.90 31.64 1.98
N SER C 67 -24.15 31.21 2.17
CA SER C 67 -24.82 31.14 3.49
C SER C 67 -24.09 30.13 4.36
N ILE C 68 -24.10 30.35 5.68
CA ILE C 68 -23.31 29.59 6.70
C ILE C 68 -23.94 28.20 6.86
N GLU C 69 -25.18 28.02 6.43
CA GLU C 69 -25.90 26.72 6.51
C GLU C 69 -25.22 25.71 5.57
N LYS C 70 -24.60 26.20 4.49
CA LYS C 70 -23.89 25.37 3.48
C LYS C 70 -22.41 25.19 3.87
N LEU C 71 -21.97 25.85 4.92
CA LEU C 71 -20.56 25.84 5.41
C LEU C 71 -20.48 25.20 6.80
N VAL C 72 -21.63 25.00 7.45
CA VAL C 72 -21.72 24.39 8.82
C VAL C 72 -22.76 23.27 8.76
N ARG C 73 -22.34 22.09 8.32
CA ARG C 73 -23.25 20.95 8.01
C ARG C 73 -22.43 19.65 7.94
N PRO C 74 -23.10 18.48 7.86
CA PRO C 74 -22.38 17.22 7.62
C PRO C 74 -21.48 17.24 6.37
N CYS C 75 -20.28 16.66 6.48
CA CYS C 75 -19.29 16.50 5.38
C CYS C 75 -18.86 15.04 5.21
N LYS C 76 -18.23 14.77 4.07
CA LYS C 76 -17.67 13.44 3.72
C LYS C 76 -16.20 13.60 3.32
N VAL C 77 -15.28 13.23 4.22
CA VAL C 77 -13.82 13.20 3.93
C VAL C 77 -13.54 11.97 3.08
N ILE C 78 -12.97 12.14 1.90
CA ILE C 78 -12.63 11.00 0.99
C ILE C 78 -11.10 10.90 0.86
N ASP C 79 -10.57 9.68 0.98
CA ASP C 79 -9.12 9.37 0.88
C ASP C 79 -8.75 9.20 -0.59
N LEU C 80 -8.04 10.16 -1.14
CA LEU C 80 -7.48 10.09 -2.51
C LEU C 80 -5.97 10.31 -2.42
N THR C 81 -5.34 9.81 -1.34
CA THR C 81 -3.86 9.85 -1.13
C THR C 81 -3.13 8.88 -2.09
N HIS C 82 -3.86 7.97 -2.74
CA HIS C 82 -3.33 6.98 -3.73
C HIS C 82 -3.39 7.54 -5.16
N VAL C 83 -3.73 8.84 -5.30
CA VAL C 83 -3.85 9.51 -6.63
C VAL C 83 -2.51 10.18 -6.94
N HIS C 84 -2.12 10.16 -8.22
CA HIS C 84 -0.91 10.82 -8.75
C HIS C 84 -1.34 11.98 -9.68
N GLU C 85 -0.58 13.08 -9.65
CA GLU C 85 -0.73 14.32 -10.47
C GLU C 85 -2.10 14.98 -10.21
N LYS C 86 -3.20 14.37 -10.68
CA LYS C 86 -4.56 14.98 -10.69
C LYS C 86 -5.65 13.96 -10.35
N ILE C 87 -6.71 14.45 -9.74
CA ILE C 87 -7.97 13.70 -9.44
C ILE C 87 -8.83 13.77 -10.70
N THR C 88 -9.34 12.64 -11.16
CA THR C 88 -10.09 12.54 -12.44
C THR C 88 -11.49 12.04 -12.15
N LYS C 89 -12.37 12.09 -13.15
CA LYS C 89 -13.77 11.60 -13.05
C LYS C 89 -13.75 10.18 -12.48
N SER C 90 -12.85 9.32 -12.94
CA SER C 90 -12.73 7.91 -12.48
C SER C 90 -12.33 7.89 -11.00
N ASP C 91 -11.58 8.91 -10.52
CA ASP C 91 -11.17 8.98 -9.09
C ASP C 91 -12.33 9.43 -8.19
N VAL C 92 -13.42 9.99 -8.73
CA VAL C 92 -14.57 10.51 -7.91
C VAL C 92 -15.92 9.88 -8.34
N GLU C 93 -15.92 8.84 -9.16
CA GLU C 93 -17.18 8.21 -9.64
C GLU C 93 -17.54 7.04 -8.71
N ASN C 94 -16.57 6.17 -8.48
CA ASN C 94 -16.72 4.97 -7.62
C ASN C 94 -16.90 5.42 -6.15
N ALA C 95 -16.31 6.56 -5.79
CA ALA C 95 -16.35 7.11 -4.41
C ALA C 95 -17.79 7.38 -4.02
N ASP C 96 -18.11 7.29 -2.73
CA ASP C 96 -19.48 7.46 -2.19
C ASP C 96 -19.85 8.95 -2.22
N ILE C 97 -20.18 9.48 -3.40
CA ILE C 97 -20.46 10.93 -3.63
C ILE C 97 -21.87 11.06 -4.21
N GLN C 98 -22.75 11.80 -3.54
CA GLN C 98 -24.16 12.05 -3.95
C GLN C 98 -24.37 13.55 -4.08
N LYS C 99 -25.58 13.96 -4.49
CA LYS C 99 -25.95 15.39 -4.61
C LYS C 99 -26.16 15.91 -3.18
N ASP C 100 -25.96 17.22 -2.98
CA ASP C 100 -26.04 17.89 -1.66
C ASP C 100 -24.92 17.37 -0.74
N ASP C 101 -23.92 16.66 -1.29
CA ASP C 101 -22.74 16.21 -0.53
C ASP C 101 -21.73 17.36 -0.43
N PHE C 102 -21.12 17.52 0.74
CA PHE C 102 -19.91 18.35 0.93
C PHE C 102 -18.72 17.40 1.16
N ILE C 103 -17.87 17.26 0.14
CA ILE C 103 -16.74 16.28 0.12
C ILE C 103 -15.41 16.99 0.40
N LEU C 104 -14.62 16.45 1.30
CA LEU C 104 -13.30 17.01 1.66
C LEU C 104 -12.23 16.02 1.18
N LEU C 105 -11.45 16.40 0.16
CA LEU C 105 -10.55 15.44 -0.51
C LEU C 105 -9.19 15.41 0.20
N LYS C 106 -8.90 14.29 0.86
CA LYS C 106 -7.57 13.95 1.44
C LYS C 106 -6.70 13.36 0.32
N THR C 107 -5.57 14.02 0.04
CA THR C 107 -4.61 13.64 -1.01
C THR C 107 -3.23 13.68 -0.37
N LYS C 108 -2.16 13.52 -1.16
CA LYS C 108 -0.77 13.52 -0.66
C LYS C 108 -0.28 14.95 -0.44
N ASN C 109 -1.17 15.96 -0.57
CA ASN C 109 -0.85 17.37 -0.21
C ASN C 109 -0.85 17.49 1.32
N SER C 110 -1.72 16.74 2.00
CA SER C 110 -1.87 16.75 3.48
C SER C 110 -0.55 16.32 4.14
N PHE C 111 0.26 15.50 3.44
CA PHE C 111 1.51 14.92 3.98
C PHE C 111 2.71 15.81 3.60
N ASP C 112 2.47 16.79 2.73
CA ASP C 112 3.44 17.88 2.42
C ASP C 112 3.24 18.95 3.49
N LYS C 113 4.31 19.61 3.91
CA LYS C 113 4.24 20.68 4.94
C LYS C 113 4.94 21.93 4.41
N GLU C 114 5.31 21.90 3.14
CA GLU C 114 5.88 23.04 2.39
C GLU C 114 5.15 23.09 1.06
N PHE C 115 5.05 24.26 0.42
CA PHE C 115 4.35 24.35 -0.89
C PHE C 115 5.08 23.47 -1.91
N ASN C 116 4.34 22.67 -2.67
CA ASN C 116 4.88 21.90 -3.82
C ASN C 116 4.20 22.38 -5.10
N PHE C 117 4.98 22.77 -6.10
CA PHE C 117 4.47 23.22 -7.43
C PHE C 117 3.71 22.07 -8.11
N ASP C 118 3.96 20.80 -7.72
CA ASP C 118 3.32 19.61 -8.37
C ASP C 118 2.21 19.06 -7.46
N PHE C 119 1.32 19.92 -6.96
CA PHE C 119 0.29 19.53 -5.97
C PHE C 119 -0.83 18.79 -6.72
N ILE C 120 -1.41 17.78 -6.06
CA ILE C 120 -2.60 17.04 -6.56
C ILE C 120 -3.72 18.07 -6.62
N TYR C 121 -4.44 18.12 -7.73
CA TYR C 121 -5.55 19.07 -7.97
C TYR C 121 -6.77 18.29 -8.45
N LEU C 122 -7.95 18.92 -8.39
CA LEU C 122 -9.21 18.40 -8.97
C LEU C 122 -9.25 18.83 -10.44
N ALA C 123 -9.17 17.89 -11.37
CA ALA C 123 -9.13 18.16 -12.82
C ALA C 123 -10.53 18.56 -13.27
N GLU C 124 -10.67 19.07 -14.50
CA GLU C 124 -11.94 19.57 -15.07
C GLU C 124 -12.93 18.39 -15.22
N ASP C 125 -12.47 17.24 -15.69
CA ASP C 125 -13.38 16.09 -15.93
C ASP C 125 -14.01 15.76 -14.57
N ALA C 126 -13.21 15.69 -13.49
CA ALA C 126 -13.73 15.46 -12.12
C ALA C 126 -14.70 16.58 -11.70
N ALA C 127 -14.35 17.84 -11.97
CA ALA C 127 -15.10 19.03 -11.50
C ALA C 127 -16.43 19.17 -12.25
N ARG C 128 -16.41 18.78 -13.53
CA ARG C 128 -17.62 18.69 -14.40
C ARG C 128 -18.54 17.60 -13.83
N TYR C 129 -18.00 16.42 -13.57
CA TYR C 129 -18.76 15.26 -13.02
C TYR C 129 -19.44 15.66 -11.71
N LEU C 130 -18.67 16.25 -10.79
CA LEU C 130 -19.17 16.61 -9.44
C LEU C 130 -20.28 17.67 -9.57
N ALA C 131 -20.20 18.49 -10.60
CA ALA C 131 -21.19 19.57 -10.86
C ALA C 131 -22.52 18.97 -11.33
N GLU C 132 -22.47 18.06 -12.31
CA GLU C 132 -23.68 17.51 -12.96
C GLU C 132 -24.34 16.49 -12.03
N ILE C 133 -23.61 15.95 -11.04
CA ILE C 133 -24.20 15.18 -9.91
C ILE C 133 -25.02 16.16 -9.05
N GLY C 134 -24.36 17.22 -8.56
CA GLY C 134 -24.98 18.30 -7.77
C GLY C 134 -24.48 18.32 -6.34
N ILE C 135 -23.19 18.02 -6.13
CA ILE C 135 -22.51 18.08 -4.80
C ILE C 135 -22.67 19.51 -4.25
N ALA C 136 -22.78 19.65 -2.93
CA ALA C 136 -23.00 20.95 -2.24
C ALA C 136 -21.71 21.77 -2.28
N GLY C 137 -20.60 21.18 -1.84
CA GLY C 137 -19.28 21.82 -1.83
C GLY C 137 -18.18 20.81 -1.98
N VAL C 138 -16.96 21.28 -2.21
CA VAL C 138 -15.77 20.40 -2.30
C VAL C 138 -14.64 21.12 -1.62
N GLY C 139 -13.95 20.44 -0.71
CA GLY C 139 -12.76 20.97 -0.05
C GLY C 139 -11.55 20.16 -0.45
N ILE C 140 -10.40 20.81 -0.56
CA ILE C 140 -9.16 20.15 -0.99
C ILE C 140 -8.09 20.56 0.01
N ASP C 141 -6.99 19.82 0.04
CA ASP C 141 -5.88 19.99 1.00
C ASP C 141 -4.72 20.71 0.31
N SER C 142 -4.98 21.26 -0.88
CA SER C 142 -4.06 22.14 -1.63
C SER C 142 -4.52 23.60 -1.46
N LEU C 143 -3.59 24.56 -1.54
CA LEU C 143 -3.92 26.00 -1.42
C LEU C 143 -4.82 26.39 -2.59
N GLY C 144 -4.75 25.61 -3.68
CA GLY C 144 -5.56 25.79 -4.90
C GLY C 144 -6.17 24.48 -5.34
N ILE C 145 -7.39 24.51 -5.88
CA ILE C 145 -8.11 23.28 -6.33
C ILE C 145 -7.69 22.95 -7.77
N GLU C 146 -6.79 23.74 -8.35
CA GLU C 146 -6.53 23.69 -9.81
C GLU C 146 -5.13 24.21 -10.14
N ARG C 147 -4.48 23.56 -11.11
CA ARG C 147 -3.23 24.01 -11.77
C ARG C 147 -3.18 23.41 -13.17
N ALA C 148 -2.26 23.86 -14.03
CA ALA C 148 -2.01 23.28 -15.38
C ALA C 148 -3.34 23.19 -16.15
N GLN C 149 -4.17 24.21 -15.99
CA GLN C 149 -5.52 24.33 -16.59
C GLN C 149 -5.79 25.81 -16.77
N PRO C 150 -5.48 26.37 -17.96
CA PRO C 150 -5.81 27.76 -18.24
C PRO C 150 -7.32 27.97 -18.46
N GLU C 151 -7.83 29.17 -18.14
CA GLU C 151 -9.26 29.58 -18.18
C GLU C 151 -9.95 29.15 -16.88
N HIS C 152 -9.24 28.40 -16.04
CA HIS C 152 -9.66 27.90 -14.69
C HIS C 152 -10.97 27.10 -14.79
N PRO C 153 -11.05 26.06 -15.67
CA PRO C 153 -12.28 25.30 -15.88
C PRO C 153 -12.85 24.63 -14.61
N THR C 154 -11.98 24.21 -13.71
CA THR C 154 -12.37 23.52 -12.45
C THR C 154 -13.07 24.53 -11.54
N HIS C 155 -12.40 25.66 -11.29
CA HIS C 155 -12.95 26.75 -10.45
C HIS C 155 -14.34 27.10 -11.01
N ARG C 156 -14.47 27.17 -12.34
CA ARG C 156 -15.70 27.68 -13.00
C ARG C 156 -16.81 26.62 -12.97
N ALA C 157 -16.51 25.37 -13.30
CA ALA C 157 -17.51 24.27 -13.30
C ALA C 157 -18.24 24.25 -11.96
N LEU C 158 -17.51 24.51 -10.88
CA LEU C 158 -18.06 24.43 -9.50
C LEU C 158 -18.75 25.75 -9.12
N MET C 159 -18.15 26.90 -9.43
CA MET C 159 -18.71 28.23 -9.05
C MET C 159 -19.93 28.58 -9.93
N ASP C 160 -20.00 28.08 -11.16
CA ASP C 160 -21.14 28.30 -12.10
C ASP C 160 -22.42 27.69 -11.50
N LYS C 161 -22.33 26.50 -10.87
CA LYS C 161 -23.50 25.85 -10.18
C LYS C 161 -23.47 26.20 -8.68
N ASP C 162 -22.73 27.25 -8.30
CA ASP C 162 -22.69 27.79 -6.91
C ASP C 162 -22.34 26.66 -5.92
N ILE C 163 -21.46 25.75 -6.32
CA ILE C 163 -20.84 24.70 -5.45
C ILE C 163 -19.67 25.36 -4.72
N VAL C 164 -19.61 25.23 -3.39
CA VAL C 164 -18.60 25.96 -2.59
C VAL C 164 -17.26 25.21 -2.69
N VAL C 165 -16.19 25.98 -2.80
CA VAL C 165 -14.78 25.50 -2.96
C VAL C 165 -14.09 25.87 -1.65
N ILE C 166 -13.45 24.90 -1.01
CA ILE C 166 -12.65 25.16 0.22
C ILE C 166 -11.24 24.63 -0.05
N GLU C 167 -10.24 25.51 0.13
CA GLU C 167 -8.80 25.30 -0.13
C GLU C 167 -8.01 25.41 1.18
N GLY C 168 -6.88 24.69 1.28
CA GLY C 168 -5.89 24.84 2.36
C GLY C 168 -6.17 23.95 3.56
N LEU C 169 -7.05 22.95 3.41
CA LEU C 169 -7.39 21.98 4.49
C LEU C 169 -6.14 21.18 4.88
N GLN C 170 -5.94 20.89 6.18
CA GLN C 170 -4.86 19.99 6.67
C GLN C 170 -5.49 18.66 7.13
N LEU C 171 -5.64 17.68 6.23
CA LEU C 171 -6.46 16.45 6.47
C LEU C 171 -5.58 15.23 6.76
N ALA C 172 -4.30 15.39 7.14
CA ALA C 172 -3.33 14.28 7.33
C ALA C 172 -3.68 13.41 8.56
N ASP C 173 -4.46 13.91 9.52
CA ASP C 173 -4.88 13.15 10.74
C ASP C 173 -6.37 12.80 10.64
N VAL C 174 -6.94 12.85 9.42
CA VAL C 174 -8.40 12.66 9.22
C VAL C 174 -8.61 11.35 8.45
N GLU C 175 -9.23 10.38 9.10
CA GLU C 175 -9.59 9.09 8.47
C GLU C 175 -10.82 9.33 7.60
N GLU C 176 -10.85 8.71 6.42
CA GLU C 176 -11.99 8.76 5.48
C GLU C 176 -13.27 8.57 6.29
N GLY C 177 -14.36 9.24 5.93
CA GLY C 177 -15.66 8.97 6.57
C GLY C 177 -16.44 10.23 6.83
N SER C 178 -17.67 10.08 7.33
CA SER C 178 -18.61 11.20 7.62
C SER C 178 -18.08 11.95 8.84
N TYR C 179 -18.12 13.28 8.81
CA TYR C 179 -17.89 14.12 10.01
C TYR C 179 -18.96 15.23 10.04
N PHE C 180 -19.10 15.94 11.15
CA PHE C 180 -19.79 17.26 11.15
C PHE C 180 -18.76 18.34 10.82
N MET C 181 -19.06 19.17 9.83
CA MET C 181 -18.10 20.20 9.34
C MET C 181 -18.52 21.58 9.86
N ILE C 182 -17.56 22.29 10.45
CA ILE C 182 -17.69 23.74 10.78
C ILE C 182 -16.69 24.49 9.92
N ALA C 183 -17.09 24.95 8.74
CA ALA C 183 -16.26 25.85 7.90
C ALA C 183 -16.69 27.30 8.19
N ALA C 184 -16.01 27.94 9.15
CA ALA C 184 -16.38 29.27 9.69
C ALA C 184 -15.47 30.36 9.10
N PRO C 185 -15.88 31.10 8.03
CA PRO C 185 -15.02 32.14 7.46
C PRO C 185 -15.08 33.46 8.24
N LEU C 186 -14.00 34.23 8.20
CA LEU C 186 -14.06 35.64 8.65
C LEU C 186 -15.20 36.34 7.92
N ASN C 187 -16.04 37.09 8.65
CA ASN C 187 -17.25 37.75 8.08
C ASN C 187 -16.85 39.02 7.31
N ILE C 188 -15.78 38.95 6.52
CA ILE C 188 -15.36 40.06 5.62
C ILE C 188 -16.44 40.22 4.53
N GLN C 189 -16.80 41.45 4.17
CA GLN C 189 -17.94 41.71 3.25
C GLN C 189 -17.38 41.97 1.84
N GLY C 190 -17.97 41.34 0.81
CA GLY C 190 -17.88 41.76 -0.61
C GLY C 190 -16.60 41.32 -1.28
N THR C 191 -16.04 40.20 -0.88
CA THR C 191 -14.68 39.77 -1.31
C THR C 191 -14.78 38.43 -2.04
N ASP C 192 -13.64 38.02 -2.60
CA ASP C 192 -13.48 36.89 -3.56
C ASP C 192 -13.21 35.60 -2.78
N ALA C 193 -12.86 35.75 -1.50
CA ALA C 193 -12.56 34.64 -0.57
C ALA C 193 -12.54 35.21 0.84
N SER C 194 -12.60 34.36 1.86
CA SER C 194 -12.33 34.77 3.27
C SER C 194 -11.58 33.66 4.01
N PRO C 195 -10.54 34.01 4.80
CA PRO C 195 -9.87 33.05 5.67
C PRO C 195 -10.93 32.31 6.51
N ALA C 196 -10.82 31.00 6.63
CA ALA C 196 -11.80 30.15 7.33
C ALA C 196 -11.12 29.29 8.38
N ARG C 197 -11.60 29.33 9.63
CA ARG C 197 -11.27 28.28 10.63
C ARG C 197 -12.19 27.07 10.36
N VAL C 198 -11.63 25.93 9.96
CA VAL C 198 -12.46 24.73 9.67
C VAL C 198 -12.16 23.69 10.75
N LEU C 199 -13.25 23.10 11.26
CA LEU C 199 -13.22 22.13 12.35
C LEU C 199 -13.99 20.89 11.87
N LEU C 200 -13.63 19.73 12.38
CA LEU C 200 -14.44 18.51 12.16
C LEU C 200 -14.83 17.95 13.53
N LEU C 201 -16.10 17.57 13.68
CA LEU C 201 -16.64 16.84 14.86
C LEU C 201 -16.92 15.38 14.47
N ASP C 202 -16.67 14.43 15.38
CA ASP C 202 -16.91 12.98 15.17
C ASP C 202 -18.22 12.55 15.85
N ASN C 203 -19.18 13.48 15.98
CA ASN C 203 -20.46 13.30 16.74
C ASN C 203 -21.01 11.89 16.50
N MET D 1 -32.83 22.80 12.75
CA MET D 1 -31.41 23.12 13.14
C MET D 1 -31.01 24.43 12.46
N LYS D 2 -31.31 25.55 13.12
CA LYS D 2 -31.04 26.92 12.62
C LYS D 2 -29.69 27.36 13.18
N ILE D 3 -29.02 28.26 12.47
CA ILE D 3 -27.80 28.93 12.93
C ILE D 3 -28.15 30.42 13.03
N ILE D 4 -27.76 31.06 14.14
CA ILE D 4 -27.75 32.54 14.27
C ILE D 4 -26.28 32.96 14.10
N ASP D 5 -26.00 33.78 13.09
CA ASP D 5 -24.69 34.47 12.94
C ASP D 5 -24.72 35.67 13.87
N ILE D 6 -23.96 35.63 14.96
CA ILE D 6 -23.80 36.76 15.91
C ILE D 6 -22.43 37.43 15.68
N THR D 7 -21.86 37.24 14.49
CA THR D 7 -20.59 37.89 14.08
C THR D 7 -20.91 39.25 13.49
N ALA D 8 -20.02 40.22 13.70
CA ALA D 8 -20.14 41.57 13.08
C ALA D 8 -19.63 41.53 11.64
N PRO D 9 -20.33 42.17 10.67
CA PRO D 9 -19.78 42.34 9.32
C PRO D 9 -18.52 43.20 9.41
N ILE D 10 -17.47 42.74 8.73
CA ILE D 10 -16.15 43.42 8.58
C ILE D 10 -16.15 44.04 7.18
N TYR D 11 -16.02 45.37 7.12
CA TYR D 11 -16.00 46.21 5.88
C TYR D 11 -15.41 47.57 6.25
N GLU D 12 -14.65 48.18 5.32
CA GLU D 12 -14.20 49.58 5.41
C GLU D 12 -15.41 50.46 5.73
N GLY D 13 -15.40 51.11 6.90
CA GLY D 13 -16.48 52.01 7.37
C GLY D 13 -17.30 51.37 8.48
N MET D 14 -16.93 50.17 8.90
CA MET D 14 -17.64 49.48 10.01
C MET D 14 -17.40 50.27 11.30
N PRO D 15 -18.27 50.11 12.31
CA PRO D 15 -18.02 50.61 13.66
C PRO D 15 -16.69 50.05 14.18
N VAL D 16 -15.80 50.93 14.62
CA VAL D 16 -14.51 50.59 15.30
C VAL D 16 -14.39 51.41 16.57
N TYR D 17 -13.49 51.00 17.46
CA TYR D 17 -13.35 51.56 18.81
C TYR D 17 -13.04 53.05 18.72
N LYS D 18 -13.88 53.85 19.39
CA LYS D 18 -13.76 55.33 19.48
C LYS D 18 -13.66 55.90 18.06
N ASN D 19 -14.44 55.32 17.14
CA ASN D 19 -14.47 55.61 15.67
C ASN D 19 -13.10 56.07 15.15
N LYS D 20 -12.02 55.51 15.67
CA LYS D 20 -10.63 55.88 15.28
C LYS D 20 -10.37 55.40 13.86
N PRO D 21 -9.91 56.30 12.95
CA PRO D 21 -9.72 55.94 11.54
C PRO D 21 -8.69 54.82 11.30
N GLU D 22 -7.72 54.68 12.20
CA GLU D 22 -6.55 53.76 12.05
C GLU D 22 -6.97 52.34 12.47
N LYS D 23 -8.06 52.24 13.24
CA LYS D 23 -8.64 50.94 13.70
C LYS D 23 -9.55 50.38 12.60
N GLN D 24 -9.72 51.11 11.48
CA GLN D 24 -10.54 50.69 10.32
C GLN D 24 -9.76 49.66 9.50
N PRO D 25 -10.41 48.60 8.99
CA PRO D 25 -9.73 47.69 8.08
C PRO D 25 -9.50 48.34 6.70
N SER D 26 -8.46 47.86 6.00
CA SER D 26 -8.14 48.12 4.58
C SER D 26 -8.28 46.81 3.80
N ILE D 27 -8.92 46.84 2.63
CA ILE D 27 -8.95 45.69 1.67
C ILE D 27 -8.52 46.19 0.30
N THR D 28 -7.36 45.73 -0.17
CA THR D 28 -6.79 46.05 -1.51
C THR D 28 -7.16 44.87 -2.42
N THR D 29 -7.72 45.14 -3.60
CA THR D 29 -8.11 44.14 -4.62
C THR D 29 -7.37 44.42 -5.92
N GLN D 30 -6.95 43.37 -6.62
CA GLN D 30 -6.33 43.42 -7.98
C GLN D 30 -7.13 42.48 -8.87
N THR D 31 -7.59 42.93 -10.03
CA THR D 31 -8.25 42.03 -11.01
C THR D 31 -7.36 41.95 -12.26
N ASN D 32 -6.43 41.00 -12.27
CA ASN D 32 -5.51 40.71 -13.40
C ASN D 32 -6.19 39.66 -14.30
N GLY D 33 -7.16 40.10 -15.12
CA GLY D 33 -7.93 39.22 -16.01
C GLY D 33 -9.32 38.99 -15.48
N HIS D 34 -9.66 37.75 -15.13
CA HIS D 34 -10.88 37.40 -14.36
C HIS D 34 -10.53 36.75 -13.03
N VAL D 35 -9.24 36.82 -12.66
CA VAL D 35 -8.74 36.46 -11.30
C VAL D 35 -8.80 37.72 -10.45
N THR D 36 -9.85 37.84 -9.64
CA THR D 36 -10.03 38.92 -8.63
C THR D 36 -9.49 38.41 -7.29
N GLU D 37 -8.47 39.09 -6.75
CA GLU D 37 -7.73 38.66 -5.54
C GLU D 37 -7.63 39.84 -4.59
N SER D 38 -7.97 39.64 -3.31
CA SER D 38 -7.92 40.68 -2.25
C SER D 38 -6.84 40.37 -1.21
N ARG D 39 -6.48 41.41 -0.45
CA ARG D 39 -5.63 41.37 0.77
C ARG D 39 -6.32 42.23 1.82
N ILE D 40 -6.48 41.71 3.04
CA ILE D 40 -7.17 42.42 4.15
C ILE D 40 -6.07 42.77 5.15
N CYS D 41 -6.13 43.99 5.67
CA CYS D 41 -5.38 44.40 6.87
C CYS D 41 -6.43 44.71 7.91
N MET D 42 -6.28 44.17 9.11
CA MET D 42 -7.25 44.45 10.20
C MET D 42 -6.57 44.34 11.56
N ASP D 43 -7.03 45.18 12.48
CA ASP D 43 -6.73 45.03 13.92
C ASP D 43 -7.34 43.68 14.38
N VAL D 44 -6.63 42.95 15.25
CA VAL D 44 -7.14 41.64 15.74
C VAL D 44 -8.37 41.87 16.64
N HIS D 45 -8.47 43.05 17.25
CA HIS D 45 -9.61 43.45 18.14
C HIS D 45 -10.71 44.14 17.33
N THR D 46 -10.82 43.83 16.04
CA THR D 46 -11.88 44.31 15.13
C THR D 46 -13.10 43.37 15.20
N GLY D 47 -14.27 43.96 15.38
CA GLY D 47 -15.56 43.26 15.28
C GLY D 47 -15.63 42.14 16.29
N THR D 48 -16.21 41.00 15.87
CA THR D 48 -16.35 39.83 16.74
C THR D 48 -14.97 39.21 16.84
N HIS D 49 -14.45 39.10 18.05
CA HIS D 49 -13.05 38.67 18.25
C HIS D 49 -12.89 38.08 19.64
N VAL D 50 -11.84 37.27 19.81
CA VAL D 50 -11.48 36.62 21.11
C VAL D 50 -10.17 37.24 21.61
N ASP D 51 -10.22 37.89 22.77
CA ASP D 51 -9.03 38.42 23.49
C ASP D 51 -8.19 37.20 23.98
N ALA D 52 -6.87 37.38 24.11
CA ALA D 52 -5.95 36.40 24.73
C ALA D 52 -5.41 36.99 26.02
N PRO D 53 -5.10 36.15 27.03
CA PRO D 53 -4.55 36.65 28.30
C PRO D 53 -3.37 37.60 28.08
N LEU D 54 -2.82 37.73 26.87
CA LEU D 54 -1.71 38.69 26.61
C LEU D 54 -2.25 40.09 26.88
N HIS D 55 -2.89 40.75 25.91
CA HIS D 55 -3.73 41.96 26.16
C HIS D 55 -4.03 42.11 27.68
N MET D 56 -3.26 42.92 28.41
CA MET D 56 -3.36 43.23 29.88
C MET D 56 -2.30 42.47 30.70
N MET D 57 -1.39 41.77 30.02
CA MET D 57 -0.20 41.09 30.59
C MET D 57 0.85 41.10 29.48
N ASN D 58 2.14 40.92 29.78
CA ASN D 58 3.17 40.81 28.71
C ASN D 58 3.88 39.47 28.80
N ASP D 59 3.60 38.72 29.87
CA ASP D 59 4.07 37.33 30.06
C ASP D 59 2.81 36.47 29.88
N GLY D 60 1.74 37.08 29.35
CA GLY D 60 0.41 36.46 29.23
C GLY D 60 0.38 35.46 28.10
N LYS D 61 -0.48 34.45 28.21
CA LYS D 61 -0.66 33.42 27.16
C LYS D 61 -1.12 34.15 25.88
N THR D 62 -1.01 33.51 24.72
CA THR D 62 -1.37 34.09 23.41
C THR D 62 -2.53 33.32 22.79
N ILE D 63 -3.16 33.89 21.77
CA ILE D 63 -4.15 33.12 20.95
C ILE D 63 -3.37 31.94 20.34
N GLU D 64 -3.90 30.75 20.54
CA GLU D 64 -3.22 29.45 20.31
C GLU D 64 -3.43 28.67 21.61
N THR D 65 -2.96 29.26 22.71
CA THR D 65 -2.97 28.68 24.08
C THR D 65 -4.43 28.45 24.48
N ILE D 66 -5.36 29.28 24.01
CA ILE D 66 -6.82 29.14 24.28
C ILE D 66 -7.35 28.03 23.37
N SER D 67 -7.76 26.90 23.96
CA SER D 67 -8.07 25.64 23.24
C SER D 67 -9.45 25.73 22.59
N ILE D 68 -9.60 25.22 21.36
CA ILE D 68 -10.87 25.24 20.58
C ILE D 68 -11.99 24.56 21.36
N GLU D 69 -11.64 23.58 22.19
CA GLU D 69 -12.62 22.81 22.99
C GLU D 69 -13.35 23.81 23.92
N LYS D 70 -12.64 24.85 24.38
CA LYS D 70 -13.17 25.91 25.29
C LYS D 70 -14.02 26.92 24.51
N LEU D 71 -13.83 27.01 23.19
CA LEU D 71 -14.56 27.97 22.32
C LEU D 71 -15.73 27.31 21.60
N VAL D 72 -15.66 26.01 21.30
CA VAL D 72 -16.74 25.24 20.61
C VAL D 72 -17.44 24.34 21.64
N ARG D 73 -18.41 24.90 22.35
CA ARG D 73 -18.96 24.28 23.59
C ARG D 73 -20.32 24.91 23.88
N PRO D 74 -21.13 24.33 24.79
CA PRO D 74 -22.44 24.90 25.09
C PRO D 74 -22.29 26.24 25.85
N CYS D 75 -23.28 27.10 25.67
CA CYS D 75 -23.22 28.50 26.14
C CYS D 75 -24.61 28.92 26.57
N LYS D 76 -24.65 29.97 27.40
CA LYS D 76 -25.89 30.61 27.91
C LYS D 76 -25.85 32.08 27.52
N VAL D 77 -26.93 32.57 26.91
CA VAL D 77 -27.14 34.02 26.60
C VAL D 77 -27.99 34.63 27.73
N ILE D 78 -27.51 35.71 28.33
CA ILE D 78 -28.22 36.41 29.44
C ILE D 78 -28.73 37.76 28.92
N ASP D 79 -30.03 38.01 29.09
CA ASP D 79 -30.67 39.31 28.77
C ASP D 79 -30.27 40.30 29.85
N LEU D 80 -29.50 41.32 29.47
CA LEU D 80 -29.10 42.44 30.34
C LEU D 80 -29.38 43.72 29.58
N THR D 81 -30.44 43.71 28.77
CA THR D 81 -30.91 44.84 27.90
C THR D 81 -31.56 45.94 28.74
N HIS D 82 -31.93 45.63 29.99
CA HIS D 82 -32.57 46.55 30.96
C HIS D 82 -31.50 47.37 31.67
N VAL D 83 -30.24 46.90 31.67
CA VAL D 83 -29.09 47.48 32.42
C VAL D 83 -28.63 48.79 31.78
N HIS D 84 -28.40 49.82 32.60
CA HIS D 84 -27.90 51.18 32.19
C HIS D 84 -26.46 51.36 32.69
N GLU D 85 -25.63 52.08 31.92
CA GLU D 85 -24.22 52.46 32.24
C GLU D 85 -23.29 51.24 32.19
N LYS D 86 -23.40 50.31 33.14
CA LYS D 86 -22.43 49.20 33.37
C LYS D 86 -23.19 47.97 33.90
N ILE D 87 -22.60 46.76 33.78
CA ILE D 87 -23.14 45.50 34.38
C ILE D 87 -22.45 45.28 35.72
N THR D 88 -23.20 45.22 36.81
CA THR D 88 -22.66 45.06 38.19
C THR D 88 -22.97 43.64 38.69
N LYS D 89 -22.50 43.32 39.90
CA LYS D 89 -22.78 42.03 40.59
C LYS D 89 -24.29 41.85 40.73
N SER D 90 -24.98 42.91 41.16
CA SER D 90 -26.44 42.89 41.37
C SER D 90 -27.15 42.26 40.14
N ASP D 91 -26.60 42.42 38.94
CA ASP D 91 -27.26 41.98 37.68
C ASP D 91 -26.83 40.57 37.28
N VAL D 92 -25.73 40.06 37.84
CA VAL D 92 -25.10 38.77 37.40
C VAL D 92 -25.14 37.74 38.54
N GLU D 93 -25.94 37.98 39.59
CA GLU D 93 -26.10 37.03 40.72
C GLU D 93 -27.26 36.09 40.43
N ASN D 94 -28.47 36.64 40.54
CA ASN D 94 -29.78 36.01 40.22
C ASN D 94 -29.66 35.12 38.98
N ALA D 95 -28.86 35.55 38.00
CA ALA D 95 -28.63 34.83 36.72
C ALA D 95 -28.07 33.44 37.01
N ASP D 96 -28.57 32.44 36.29
CA ASP D 96 -28.04 31.05 36.34
C ASP D 96 -26.62 31.12 35.77
N ILE D 97 -25.64 31.46 36.61
CA ILE D 97 -24.20 31.56 36.24
C ILE D 97 -23.39 30.59 37.10
N GLN D 98 -23.10 29.41 36.57
CA GLN D 98 -22.42 28.31 37.31
C GLN D 98 -20.92 28.35 36.98
N LYS D 99 -20.17 27.44 37.61
CA LYS D 99 -18.74 27.15 37.28
C LYS D 99 -18.70 26.57 35.86
N ASP D 100 -17.68 26.97 35.09
CA ASP D 100 -17.37 26.46 33.71
C ASP D 100 -18.52 26.79 32.76
N ASP D 101 -19.33 27.82 33.06
CA ASP D 101 -20.40 28.33 32.16
C ASP D 101 -19.74 29.29 31.15
N PHE D 102 -20.19 29.24 29.89
CA PHE D 102 -19.84 30.24 28.85
C PHE D 102 -21.03 31.18 28.70
N ILE D 103 -20.89 32.39 29.23
CA ILE D 103 -22.03 33.35 29.31
C ILE D 103 -21.82 34.44 28.25
N LEU D 104 -22.81 34.60 27.37
CA LEU D 104 -22.86 35.68 26.36
C LEU D 104 -23.86 36.71 26.91
N LEU D 105 -23.46 37.99 26.98
CA LEU D 105 -24.30 39.05 27.61
C LEU D 105 -24.94 39.93 26.54
N LYS D 106 -26.24 39.75 26.29
CA LYS D 106 -27.06 40.62 25.41
C LYS D 106 -27.41 41.88 26.22
N THR D 107 -26.96 43.03 25.73
CA THR D 107 -27.21 44.35 26.35
C THR D 107 -27.79 45.27 25.27
N LYS D 108 -27.97 46.54 25.62
CA LYS D 108 -28.60 47.52 24.70
C LYS D 108 -27.63 47.86 23.56
N ASN D 109 -26.33 47.51 23.68
CA ASN D 109 -25.28 47.75 22.64
C ASN D 109 -25.58 47.00 21.34
N SER D 110 -26.29 45.88 21.46
CA SER D 110 -26.71 44.99 20.35
C SER D 110 -27.62 45.76 19.39
N PHE D 111 -28.22 46.86 19.85
CA PHE D 111 -29.24 47.67 19.12
C PHE D 111 -28.66 49.03 18.75
N ASP D 112 -27.35 49.23 18.97
CA ASP D 112 -26.57 50.41 18.51
C ASP D 112 -25.91 50.04 17.19
N LYS D 113 -26.33 50.67 16.11
CA LYS D 113 -25.87 50.35 14.72
C LYS D 113 -24.47 50.91 14.53
N GLU D 114 -24.14 51.93 15.32
CA GLU D 114 -22.81 52.58 15.24
C GLU D 114 -22.18 52.50 16.64
N PHE D 115 -20.96 53.03 16.80
CA PHE D 115 -20.24 52.90 18.08
C PHE D 115 -20.85 53.84 19.13
N ASN D 116 -21.12 53.31 20.31
CA ASN D 116 -21.59 54.17 21.42
C ASN D 116 -20.48 54.25 22.46
N PHE D 117 -19.86 55.40 22.61
CA PHE D 117 -18.79 55.66 23.61
C PHE D 117 -19.33 55.43 25.00
N ASP D 118 -20.65 55.46 25.15
CA ASP D 118 -21.35 55.20 26.45
C ASP D 118 -21.91 53.77 26.40
N PHE D 119 -21.12 52.79 25.93
CA PHE D 119 -21.57 51.38 25.75
C PHE D 119 -21.63 50.73 27.13
N ILE D 120 -22.71 49.95 27.36
CA ILE D 120 -22.89 49.06 28.54
C ILE D 120 -21.68 48.12 28.60
N TYR D 121 -20.97 48.16 29.72
CA TYR D 121 -19.69 47.44 29.93
C TYR D 121 -19.81 46.63 31.22
N LEU D 122 -18.96 45.62 31.37
CA LEU D 122 -18.90 44.79 32.61
C LEU D 122 -18.00 45.53 33.61
N ALA D 123 -18.60 46.11 34.65
CA ALA D 123 -17.87 46.73 35.78
C ALA D 123 -17.05 45.68 36.53
N GLU D 124 -15.96 46.12 37.17
CA GLU D 124 -15.00 45.27 37.94
C GLU D 124 -15.76 44.34 38.90
N ASP D 125 -16.70 44.88 39.69
CA ASP D 125 -17.44 44.10 40.72
C ASP D 125 -18.05 42.84 40.06
N ALA D 126 -18.63 42.95 38.85
CA ALA D 126 -19.27 41.83 38.12
C ALA D 126 -18.19 40.86 37.63
N ALA D 127 -17.01 41.39 37.30
CA ALA D 127 -15.88 40.62 36.73
C ALA D 127 -15.26 39.73 37.81
N ARG D 128 -14.94 40.30 38.96
CA ARG D 128 -14.40 39.58 40.15
C ARG D 128 -15.39 38.50 40.62
N TYR D 129 -16.69 38.84 40.69
CA TYR D 129 -17.78 37.88 40.98
C TYR D 129 -17.59 36.70 40.01
N LEU D 130 -17.75 36.96 38.71
CA LEU D 130 -17.70 35.93 37.65
C LEU D 130 -16.42 35.11 37.81
N ALA D 131 -15.28 35.75 38.08
CA ALA D 131 -13.95 35.10 38.27
C ALA D 131 -13.97 34.11 39.45
N GLU D 132 -14.53 34.51 40.60
CA GLU D 132 -14.52 33.70 41.85
C GLU D 132 -15.65 32.66 41.78
N ILE D 133 -16.71 32.86 40.96
CA ILE D 133 -17.71 31.80 40.66
C ILE D 133 -16.96 30.69 39.90
N GLY D 134 -16.20 31.06 38.86
CA GLY D 134 -15.32 30.13 38.12
C GLY D 134 -15.88 29.80 36.76
N ILE D 135 -16.52 30.78 36.12
CA ILE D 135 -17.10 30.66 34.74
C ILE D 135 -15.95 30.36 33.76
N ALA D 136 -16.26 29.74 32.62
CA ALA D 136 -15.23 29.36 31.61
C ALA D 136 -14.96 30.52 30.65
N GLY D 137 -16.00 31.25 30.26
CA GLY D 137 -15.86 32.43 29.39
C GLY D 137 -17.08 33.35 29.44
N VAL D 138 -16.84 34.61 29.07
CA VAL D 138 -17.86 35.68 28.96
C VAL D 138 -17.71 36.42 27.64
N GLY D 139 -18.83 36.59 26.94
CA GLY D 139 -18.94 37.31 25.66
C GLY D 139 -19.81 38.52 25.84
N ILE D 140 -19.45 39.63 25.20
CA ILE D 140 -20.12 40.94 25.36
C ILE D 140 -20.49 41.45 23.95
N ASP D 141 -21.62 42.14 23.84
CA ASP D 141 -22.07 42.69 22.53
C ASP D 141 -21.42 44.07 22.30
N SER D 142 -20.18 44.24 22.77
CA SER D 142 -19.39 45.49 22.67
C SER D 142 -17.97 45.13 22.24
N LEU D 143 -17.30 46.04 21.55
CA LEU D 143 -15.93 45.81 21.01
C LEU D 143 -14.96 45.76 22.20
N GLY D 144 -15.41 46.25 23.35
CA GLY D 144 -14.61 46.30 24.59
C GLY D 144 -15.45 45.87 25.76
N ILE D 145 -14.89 45.02 26.64
CA ILE D 145 -15.69 44.42 27.75
C ILE D 145 -15.78 45.48 28.85
N GLU D 146 -14.92 46.50 28.78
CA GLU D 146 -14.86 47.60 29.77
C GLU D 146 -14.44 48.93 29.14
N ARG D 147 -14.75 50.02 29.87
CA ARG D 147 -14.34 51.43 29.65
C ARG D 147 -14.38 52.12 31.02
N ALA D 148 -13.75 53.29 31.15
CA ALA D 148 -13.84 54.13 32.37
C ALA D 148 -13.23 53.39 33.56
N GLN D 149 -12.38 52.40 33.29
CA GLN D 149 -11.66 51.63 34.33
C GLN D 149 -10.19 51.61 33.93
N PRO D 150 -9.39 52.58 34.39
CA PRO D 150 -7.94 52.54 34.20
C PRO D 150 -7.31 51.45 35.09
N GLU D 151 -6.26 50.80 34.56
CA GLU D 151 -5.59 49.59 35.12
C GLU D 151 -6.32 48.32 34.64
N HIS D 152 -7.42 48.49 33.88
CA HIS D 152 -8.25 47.44 33.22
C HIS D 152 -8.59 46.29 34.17
N PRO D 153 -9.29 46.55 35.28
CA PRO D 153 -9.60 45.51 36.28
C PRO D 153 -10.49 44.36 35.77
N THR D 154 -11.52 44.68 34.98
CA THR D 154 -12.47 43.69 34.38
C THR D 154 -11.69 42.63 33.59
N HIS D 155 -10.97 43.03 32.53
CA HIS D 155 -10.09 42.17 31.69
C HIS D 155 -9.13 41.36 32.56
N ARG D 156 -8.30 42.03 33.36
CA ARG D 156 -7.19 41.43 34.16
C ARG D 156 -7.74 40.36 35.12
N ALA D 157 -8.93 40.57 35.67
CA ALA D 157 -9.58 39.64 36.62
C ALA D 157 -9.99 38.36 35.89
N LEU D 158 -10.61 38.50 34.71
CA LEU D 158 -11.08 37.34 33.93
C LEU D 158 -9.87 36.56 33.41
N MET D 159 -8.83 37.24 32.91
CA MET D 159 -7.67 36.58 32.23
C MET D 159 -6.71 35.99 33.27
N ASP D 160 -6.79 36.42 34.54
CA ASP D 160 -6.02 35.84 35.67
C ASP D 160 -6.53 34.43 35.99
N LYS D 161 -7.86 34.25 36.05
CA LYS D 161 -8.53 32.94 36.26
C LYS D 161 -8.67 32.20 34.91
N ASP D 162 -7.90 32.60 33.90
CA ASP D 162 -7.90 32.08 32.51
C ASP D 162 -9.33 31.99 31.97
N ILE D 163 -10.15 33.03 32.20
CA ILE D 163 -11.53 33.10 31.66
C ILE D 163 -11.41 33.73 30.26
N VAL D 164 -12.04 33.11 29.26
CA VAL D 164 -11.92 33.59 27.86
C VAL D 164 -12.89 34.79 27.73
N VAL D 165 -12.37 35.90 27.23
CA VAL D 165 -13.15 37.14 26.97
C VAL D 165 -13.37 37.21 25.47
N ILE D 166 -14.62 37.23 25.02
CA ILE D 166 -14.98 37.45 23.59
C ILE D 166 -15.75 38.77 23.50
N GLU D 167 -15.26 39.71 22.68
CA GLU D 167 -15.89 41.06 22.54
C GLU D 167 -16.37 41.17 21.07
N GLY D 168 -17.48 41.88 20.84
CA GLY D 168 -17.90 42.25 19.47
C GLY D 168 -19.11 41.48 18.97
N LEU D 169 -19.92 40.92 19.86
CA LEU D 169 -21.07 40.05 19.49
C LEU D 169 -22.24 40.90 19.01
N GLN D 170 -23.09 40.35 18.16
CA GLN D 170 -24.32 41.01 17.68
C GLN D 170 -25.50 40.18 18.16
N LEU D 171 -26.06 40.50 19.33
CA LEU D 171 -27.05 39.60 19.97
C LEU D 171 -28.45 40.20 19.90
N ALA D 172 -28.78 40.95 18.85
CA ALA D 172 -30.09 41.63 18.73
C ALA D 172 -31.24 40.61 18.54
N ASP D 173 -31.12 39.62 17.63
CA ASP D 173 -32.23 38.66 17.31
C ASP D 173 -32.07 37.36 18.12
N VAL D 174 -31.20 37.35 19.13
CA VAL D 174 -30.83 36.13 19.90
C VAL D 174 -31.65 36.12 21.19
N GLU D 175 -32.41 35.06 21.43
CA GLU D 175 -33.29 34.95 22.62
C GLU D 175 -32.43 34.50 23.80
N GLU D 176 -32.96 34.68 25.02
CA GLU D 176 -32.29 34.23 26.27
C GLU D 176 -32.41 32.72 26.36
N GLY D 177 -31.34 32.04 26.79
CA GLY D 177 -31.31 30.58 26.99
C GLY D 177 -29.93 29.98 26.77
N SER D 178 -29.88 28.64 26.63
CA SER D 178 -28.66 27.89 26.23
C SER D 178 -28.67 27.69 24.71
N TYR D 179 -27.49 27.66 24.11
CA TYR D 179 -27.26 27.45 22.67
C TYR D 179 -25.95 26.68 22.52
N PHE D 180 -25.69 26.04 21.36
CA PHE D 180 -24.33 25.54 21.05
C PHE D 180 -23.52 26.69 20.42
N MET D 181 -22.41 27.09 21.06
CA MET D 181 -21.55 28.23 20.63
C MET D 181 -20.41 27.72 19.75
N ILE D 182 -20.22 28.35 18.59
CA ILE D 182 -19.05 28.13 17.70
C ILE D 182 -18.26 29.43 17.61
N ALA D 183 -17.25 29.57 18.47
CA ALA D 183 -16.32 30.72 18.47
C ALA D 183 -15.06 30.33 17.69
N ALA D 184 -15.13 30.41 16.37
CA ALA D 184 -14.04 29.99 15.46
C ALA D 184 -13.18 31.19 15.08
N PRO D 185 -12.02 31.40 15.74
CA PRO D 185 -11.14 32.50 15.39
C PRO D 185 -10.17 32.14 14.25
N LEU D 186 -9.78 33.16 13.51
CA LEU D 186 -8.60 33.08 12.60
C LEU D 186 -7.46 32.34 13.32
N ASN D 187 -6.87 31.33 12.68
CA ASN D 187 -5.78 30.51 13.27
C ASN D 187 -4.46 31.29 13.28
N ILE D 188 -4.49 32.52 13.77
CA ILE D 188 -3.32 33.45 13.85
C ILE D 188 -2.51 32.97 15.07
N GLN D 189 -1.18 33.07 15.04
CA GLN D 189 -0.32 32.41 16.07
C GLN D 189 0.29 33.51 16.95
N GLY D 190 0.34 33.28 18.26
CA GLY D 190 1.08 34.11 19.22
C GLY D 190 0.69 35.58 19.16
N THR D 191 -0.61 35.87 19.19
CA THR D 191 -1.16 37.25 19.08
C THR D 191 -2.08 37.55 20.26
N ASP D 192 -2.20 38.83 20.64
CA ASP D 192 -3.02 39.35 21.77
C ASP D 192 -4.54 39.19 21.54
N ALA D 193 -4.96 38.77 20.35
CA ALA D 193 -6.38 38.48 20.06
C ALA D 193 -6.44 37.85 18.68
N SER D 194 -7.64 37.43 18.29
CA SER D 194 -7.92 36.92 16.93
C SER D 194 -9.35 37.24 16.54
N PRO D 195 -9.57 37.75 15.31
CA PRO D 195 -10.92 37.95 14.79
C PRO D 195 -11.62 36.60 14.83
N ALA D 196 -12.94 36.58 14.98
CA ALA D 196 -13.67 35.31 15.16
C ALA D 196 -15.07 35.36 14.53
N ARG D 197 -15.45 34.25 13.90
CA ARG D 197 -16.83 34.01 13.42
C ARG D 197 -17.56 33.23 14.51
N VAL D 198 -18.50 33.87 15.19
CA VAL D 198 -19.26 33.23 16.31
C VAL D 198 -20.66 32.90 15.78
N LEU D 199 -21.04 31.63 15.92
CA LEU D 199 -22.34 31.14 15.43
C LEU D 199 -23.07 30.51 16.62
N LEU D 200 -24.39 30.57 16.63
CA LEU D 200 -25.19 29.96 17.71
C LEU D 200 -26.12 28.90 17.13
N LEU D 201 -25.78 27.63 17.29
CA LEU D 201 -26.64 26.52 16.81
C LEU D 201 -27.74 26.29 17.84
N MET E 1 1.41 0.54 -26.32
CA MET E 1 2.34 -0.34 -25.52
C MET E 1 3.77 0.21 -25.68
N LYS E 2 4.25 0.96 -24.69
CA LYS E 2 5.62 1.53 -24.70
C LYS E 2 6.47 0.80 -23.66
N ILE E 3 7.78 0.98 -23.76
CA ILE E 3 8.79 0.48 -22.77
C ILE E 3 9.44 1.74 -22.20
N ILE E 4 9.68 1.78 -20.89
CA ILE E 4 10.53 2.86 -20.29
C ILE E 4 11.80 2.19 -19.79
N ASP E 5 12.92 2.50 -20.46
CA ASP E 5 14.27 2.06 -20.03
C ASP E 5 14.65 2.96 -18.86
N ILE E 6 14.70 2.39 -17.64
CA ILE E 6 15.04 3.12 -16.37
C ILE E 6 16.42 2.66 -15.90
N THR E 7 17.23 2.22 -16.87
CA THR E 7 18.62 1.71 -16.65
C THR E 7 19.62 2.84 -16.88
N ALA E 8 20.56 3.04 -15.94
CA ALA E 8 21.66 4.00 -16.10
C ALA E 8 22.49 3.62 -17.32
N PRO E 9 22.90 4.62 -18.13
CA PRO E 9 23.89 4.39 -19.18
C PRO E 9 25.27 4.10 -18.59
N ILE E 10 25.90 2.99 -19.04
CA ILE E 10 27.27 2.57 -18.61
C ILE E 10 28.28 3.15 -19.59
N TYR E 11 29.17 4.03 -19.09
CA TYR E 11 30.26 4.68 -19.86
C TYR E 11 31.37 5.18 -18.90
N GLU E 12 32.61 5.20 -19.39
CA GLU E 12 33.76 5.93 -18.76
C GLU E 12 33.35 7.39 -18.52
N GLY E 13 33.31 7.81 -17.25
CA GLY E 13 32.94 9.19 -16.87
C GLY E 13 31.53 9.26 -16.33
N MET E 14 30.90 8.09 -16.18
CA MET E 14 29.51 7.97 -15.68
C MET E 14 29.53 8.34 -14.20
N PRO E 15 28.37 8.68 -13.62
CA PRO E 15 28.27 8.76 -12.16
C PRO E 15 28.67 7.40 -11.55
N VAL E 16 29.73 7.39 -10.74
CA VAL E 16 30.09 6.22 -9.88
C VAL E 16 29.89 6.60 -8.41
N TYR E 17 29.89 5.61 -7.51
CA TYR E 17 29.72 5.79 -6.05
C TYR E 17 30.91 6.62 -5.53
N LYS E 18 30.61 7.68 -4.76
CA LYS E 18 31.60 8.54 -4.07
C LYS E 18 32.64 9.05 -5.09
N ASN E 19 32.26 9.08 -6.37
CA ASN E 19 33.11 9.52 -7.52
C ASN E 19 34.49 8.86 -7.45
N LYS E 20 34.56 7.63 -6.92
CA LYS E 20 35.83 6.86 -6.78
C LYS E 20 36.35 6.52 -8.18
N PRO E 21 37.61 6.88 -8.51
CA PRO E 21 38.19 6.60 -9.83
C PRO E 21 38.27 5.10 -10.19
N GLU E 22 38.25 4.27 -9.16
CA GLU E 22 38.45 2.80 -9.25
C GLU E 22 37.15 2.16 -9.71
N LYS E 23 35.99 2.67 -9.27
CA LYS E 23 34.67 2.03 -9.54
C LYS E 23 34.16 2.38 -10.95
N GLN E 24 34.99 3.00 -11.80
CA GLN E 24 34.61 3.40 -13.19
C GLN E 24 34.81 2.21 -14.13
N PRO E 25 33.90 1.98 -15.10
CA PRO E 25 34.12 0.96 -16.12
C PRO E 25 35.29 1.29 -17.04
N SER E 26 35.83 0.25 -17.68
CA SER E 26 36.89 0.31 -18.71
C SER E 26 36.42 -0.41 -19.97
N ILE E 27 36.41 0.25 -21.12
CA ILE E 27 36.12 -0.41 -22.43
C ILE E 27 37.36 -0.27 -23.33
N THR E 28 37.89 -1.42 -23.74
CA THR E 28 39.04 -1.54 -24.69
C THR E 28 38.51 -2.12 -26.01
N THR E 29 38.70 -1.40 -27.11
CA THR E 29 38.20 -1.76 -28.47
C THR E 29 39.38 -2.00 -29.40
N GLN E 30 39.37 -3.11 -30.13
CA GLN E 30 40.41 -3.49 -31.12
C GLN E 30 39.76 -3.56 -32.51
N THR E 31 40.18 -2.70 -33.44
CA THR E 31 39.67 -2.65 -34.83
C THR E 31 40.70 -3.28 -35.76
N ASN E 32 40.44 -4.53 -36.17
CA ASN E 32 41.27 -5.28 -37.15
C ASN E 32 40.73 -4.95 -38.54
N GLY E 33 41.23 -3.88 -39.17
CA GLY E 33 40.75 -3.40 -40.49
C GLY E 33 39.33 -2.86 -40.40
N HIS E 34 38.31 -3.73 -40.50
CA HIS E 34 36.88 -3.33 -40.38
C HIS E 34 36.07 -4.25 -39.46
N VAL E 35 36.63 -5.34 -38.93
CA VAL E 35 36.01 -6.03 -37.78
C VAL E 35 36.45 -5.28 -36.52
N THR E 36 35.50 -4.90 -35.65
CA THR E 36 35.77 -4.16 -34.38
C THR E 36 35.19 -4.98 -33.21
N GLU E 37 36.05 -5.56 -32.35
CA GLU E 37 35.61 -6.28 -31.12
C GLU E 37 36.06 -5.47 -29.89
N SER E 38 35.27 -5.51 -28.82
CA SER E 38 35.54 -4.78 -27.55
C SER E 38 35.47 -5.73 -26.35
N ARG E 39 36.26 -5.42 -25.32
CA ARG E 39 36.19 -6.03 -23.96
C ARG E 39 35.85 -4.93 -22.95
N ILE E 40 34.93 -5.22 -22.03
CA ILE E 40 34.45 -4.25 -20.99
C ILE E 40 34.90 -4.76 -19.63
N CYS E 41 35.42 -3.85 -18.81
CA CYS E 41 35.77 -4.13 -17.39
C CYS E 41 34.86 -3.25 -16.55
N MET E 42 34.00 -3.85 -15.74
CA MET E 42 33.07 -3.04 -14.92
C MET E 42 32.94 -3.68 -13.55
N ASP E 43 32.64 -2.86 -12.53
CA ASP E 43 32.27 -3.40 -11.19
C ASP E 43 30.79 -3.83 -11.26
N VAL E 44 30.45 -4.90 -10.56
CA VAL E 44 29.07 -5.47 -10.63
C VAL E 44 28.06 -4.53 -9.96
N HIS E 45 28.51 -3.64 -9.07
CA HIS E 45 27.66 -2.61 -8.41
C HIS E 45 27.68 -1.32 -9.22
N THR E 46 27.77 -1.42 -10.54
CA THR E 46 27.83 -0.26 -11.46
C THR E 46 26.39 0.09 -11.88
N GLY E 47 26.06 1.39 -11.87
CA GLY E 47 24.77 1.91 -12.39
C GLY E 47 23.60 1.04 -11.95
N THR E 48 22.71 0.70 -12.86
CA THR E 48 21.51 -0.10 -12.54
C THR E 48 21.92 -1.56 -12.37
N HIS E 49 21.76 -2.13 -11.16
CA HIS E 49 22.24 -3.51 -10.89
C HIS E 49 21.42 -4.19 -9.78
N VAL E 50 21.30 -5.52 -9.84
CA VAL E 50 20.67 -6.37 -8.78
C VAL E 50 21.76 -6.80 -7.78
N ASP E 51 21.61 -6.41 -6.51
CA ASP E 51 22.45 -6.88 -5.38
C ASP E 51 22.02 -8.30 -5.04
N ALA E 52 22.94 -9.13 -4.54
CA ALA E 52 22.67 -10.53 -4.15
C ALA E 52 22.90 -10.63 -2.64
N PRO E 53 22.20 -11.52 -1.92
CA PRO E 53 22.43 -11.64 -0.48
C PRO E 53 23.92 -11.82 -0.09
N LEU E 54 24.84 -12.07 -1.05
CA LEU E 54 26.28 -12.40 -0.75
C LEU E 54 27.08 -11.18 -0.29
N HIS E 55 26.97 -10.06 -1.00
CA HIS E 55 27.31 -8.71 -0.47
C HIS E 55 26.71 -8.67 0.95
N MET E 56 27.49 -8.23 1.95
CA MET E 56 27.07 -8.07 3.38
C MET E 56 27.16 -9.38 4.17
N MET E 57 26.97 -10.54 3.53
CA MET E 57 27.20 -11.86 4.15
C MET E 57 28.42 -12.49 3.49
N ASN E 58 28.77 -13.73 3.88
CA ASN E 58 29.85 -14.52 3.24
C ASN E 58 29.38 -15.96 3.02
N ASP E 59 28.39 -16.41 3.80
CA ASP E 59 27.67 -17.69 3.56
C ASP E 59 26.51 -17.41 2.58
N GLY E 60 26.33 -16.14 2.22
CA GLY E 60 25.13 -15.61 1.56
C GLY E 60 24.97 -16.14 0.15
N LYS E 61 23.73 -16.14 -0.34
CA LYS E 61 23.35 -16.57 -1.71
C LYS E 61 23.92 -15.56 -2.71
N THR E 62 24.12 -16.01 -3.95
CA THR E 62 24.79 -15.26 -5.03
C THR E 62 23.75 -14.82 -6.06
N ILE E 63 24.07 -13.85 -6.91
CA ILE E 63 23.28 -13.60 -8.15
C ILE E 63 23.36 -14.90 -8.96
N GLU E 64 22.20 -15.49 -9.25
CA GLU E 64 22.05 -16.85 -9.82
C GLU E 64 20.89 -17.48 -9.07
N THR E 65 21.05 -17.54 -7.75
CA THR E 65 20.07 -18.10 -6.78
C THR E 65 18.83 -17.21 -6.78
N ILE E 66 19.00 -15.90 -6.96
CA ILE E 66 17.84 -14.96 -7.08
C ILE E 66 17.20 -15.24 -8.46
N SER E 67 16.00 -15.82 -8.43
CA SER E 67 15.28 -16.34 -9.63
C SER E 67 14.77 -15.18 -10.47
N ILE E 68 14.89 -15.30 -11.79
CA ILE E 68 14.32 -14.33 -12.78
C ILE E 68 12.84 -14.13 -12.50
N GLU E 69 12.20 -15.09 -11.82
CA GLU E 69 10.74 -15.07 -11.54
C GLU E 69 10.45 -13.95 -10.53
N LYS E 70 11.46 -13.50 -9.78
CA LYS E 70 11.35 -12.40 -8.79
C LYS E 70 11.73 -11.07 -9.44
N LEU E 71 12.34 -11.12 -10.63
CA LEU E 71 12.89 -9.93 -11.35
C LEU E 71 12.06 -9.55 -12.58
N VAL E 72 11.31 -10.50 -13.15
CA VAL E 72 10.39 -10.24 -14.30
C VAL E 72 8.97 -10.59 -13.84
N ARG E 73 8.19 -9.54 -13.55
CA ARG E 73 6.90 -9.61 -12.81
C ARG E 73 6.36 -8.19 -12.69
N PRO E 74 5.06 -8.00 -12.35
CA PRO E 74 4.53 -6.66 -12.09
C PRO E 74 5.21 -5.98 -10.89
N CYS E 75 5.32 -4.65 -10.94
CA CYS E 75 5.99 -3.83 -9.90
C CYS E 75 5.17 -2.57 -9.63
N LYS E 76 5.57 -1.82 -8.60
CA LYS E 76 4.93 -0.57 -8.15
C LYS E 76 6.00 0.52 -8.04
N VAL E 77 5.82 1.63 -8.76
CA VAL E 77 6.67 2.86 -8.62
C VAL E 77 5.94 3.85 -7.71
N ILE E 78 6.56 4.22 -6.58
CA ILE E 78 6.06 5.20 -5.56
C ILE E 78 6.90 6.47 -5.65
N ASP E 79 6.25 7.64 -5.75
CA ASP E 79 6.89 8.96 -5.98
C ASP E 79 7.24 9.58 -4.62
N LEU E 80 8.46 9.34 -4.12
CA LEU E 80 8.95 9.91 -2.83
C LEU E 80 9.92 11.05 -3.15
N THR E 81 9.58 11.85 -4.16
CA THR E 81 10.34 13.06 -4.59
C THR E 81 10.16 14.21 -3.58
N HIS E 82 9.16 14.11 -2.69
CA HIS E 82 8.83 15.11 -1.63
C HIS E 82 9.66 14.83 -0.38
N VAL E 83 10.30 13.65 -0.32
CA VAL E 83 11.06 13.16 0.87
C VAL E 83 12.40 13.92 0.97
N HIS E 84 12.87 14.14 2.20
CA HIS E 84 14.12 14.90 2.49
C HIS E 84 15.06 14.02 3.31
N GLU E 85 16.36 14.16 3.05
CA GLU E 85 17.47 13.35 3.62
C GLU E 85 17.27 11.88 3.22
N LYS E 86 16.36 11.16 3.89
CA LYS E 86 16.22 9.68 3.80
C LYS E 86 14.74 9.32 3.72
N ILE E 87 14.42 8.07 3.35
CA ILE E 87 13.04 7.52 3.33
C ILE E 87 12.81 6.82 4.67
N THR E 88 11.85 7.36 5.44
CA THR E 88 11.52 6.96 6.82
C THR E 88 10.31 6.03 6.81
N LYS E 89 10.03 5.36 7.93
CA LYS E 89 8.85 4.46 8.05
C LYS E 89 7.63 5.24 7.55
N SER E 90 7.40 6.42 8.12
CA SER E 90 6.21 7.26 7.83
C SER E 90 6.04 7.40 6.32
N ASP E 91 7.14 7.55 5.58
CA ASP E 91 7.12 7.81 4.11
C ASP E 91 6.67 6.58 3.31
N VAL E 92 6.80 5.36 3.88
CA VAL E 92 6.43 4.08 3.20
C VAL E 92 5.27 3.39 3.93
N GLU E 93 4.59 4.07 4.85
CA GLU E 93 3.49 3.46 5.65
C GLU E 93 2.15 3.74 4.95
N ALA E 95 1.68 4.82 1.89
CA ALA E 95 1.81 4.39 0.47
C ALA E 95 1.33 2.96 0.30
N ASP E 96 0.78 2.66 -0.88
CA ASP E 96 0.15 1.35 -1.21
C ASP E 96 1.23 0.28 -1.43
N ILE E 97 1.72 -0.32 -0.34
CA ILE E 97 2.74 -1.41 -0.33
C ILE E 97 2.22 -2.58 0.51
N GLN E 98 1.84 -3.69 -0.14
CA GLN E 98 1.36 -4.93 0.53
C GLN E 98 2.40 -6.04 0.30
N LYS E 99 2.12 -7.24 0.80
CA LYS E 99 3.00 -8.44 0.75
C LYS E 99 3.29 -8.88 -0.69
N ASP E 100 4.46 -9.49 -0.90
CA ASP E 100 4.96 -10.00 -2.21
C ASP E 100 4.87 -8.90 -3.28
N ASP E 101 4.98 -7.64 -2.88
CA ASP E 101 5.09 -6.46 -3.79
C ASP E 101 6.56 -6.18 -4.09
N PHE E 102 6.86 -5.76 -5.32
CA PHE E 102 8.19 -5.22 -5.70
C PHE E 102 8.05 -3.71 -5.88
N ILE E 103 8.65 -2.95 -4.98
CA ILE E 103 8.42 -1.48 -4.94
C ILE E 103 9.70 -0.79 -5.44
N LEU E 104 9.56 -0.02 -6.52
CA LEU E 104 10.60 0.90 -7.05
C LEU E 104 10.39 2.29 -6.42
N LEU E 105 11.37 2.76 -5.66
CA LEU E 105 11.25 4.05 -4.95
C LEU E 105 11.88 5.18 -5.78
N LYS E 106 11.03 6.05 -6.31
CA LYS E 106 11.44 7.31 -6.99
C LYS E 106 11.63 8.40 -5.94
N THR E 107 12.78 9.07 -5.98
CA THR E 107 13.15 10.17 -5.07
C THR E 107 13.72 11.32 -5.92
N LYS E 108 14.35 12.30 -5.26
CA LYS E 108 14.97 13.46 -5.95
C LYS E 108 16.26 12.96 -6.62
N ASN E 109 16.76 11.80 -6.21
CA ASN E 109 18.00 11.18 -6.79
C ASN E 109 17.85 10.98 -8.29
N SER E 110 16.62 10.66 -8.74
CA SER E 110 16.28 10.50 -10.17
C SER E 110 16.64 11.78 -10.95
N PHE E 111 16.61 12.95 -10.30
CA PHE E 111 16.78 14.29 -10.94
C PHE E 111 18.19 14.83 -10.72
N ASP E 112 19.01 14.13 -9.94
CA ASP E 112 20.41 14.55 -9.77
C ASP E 112 21.18 14.22 -11.05
N LYS E 113 21.98 15.13 -11.59
CA LYS E 113 22.65 14.77 -12.86
C LYS E 113 23.87 13.92 -12.54
N GLU E 114 24.38 14.05 -11.31
CA GLU E 114 25.63 13.33 -10.95
C GLU E 114 25.46 12.67 -9.59
N PHE E 115 26.56 12.21 -9.03
CA PHE E 115 26.51 11.57 -7.69
C PHE E 115 26.47 12.64 -6.63
N ASN E 116 25.53 12.53 -5.70
CA ASN E 116 25.54 13.44 -4.53
C ASN E 116 25.78 12.57 -3.31
N PHE E 117 26.64 13.03 -2.40
CA PHE E 117 26.99 12.25 -1.18
C PHE E 117 25.79 12.30 -0.23
N ASP E 118 24.93 13.30 -0.40
CA ASP E 118 23.71 13.42 0.44
C ASP E 118 22.53 12.84 -0.36
N PHE E 119 22.72 11.65 -0.93
CA PHE E 119 21.66 11.00 -1.75
C PHE E 119 20.56 10.48 -0.81
N ILE E 120 19.30 10.64 -1.23
CA ILE E 120 18.12 10.09 -0.51
C ILE E 120 18.32 8.58 -0.45
N TYR E 121 18.37 8.00 0.75
CA TYR E 121 18.59 6.56 0.98
C TYR E 121 17.43 5.96 1.79
N LEU E 122 17.15 4.67 1.59
CA LEU E 122 16.14 3.92 2.40
C LEU E 122 16.75 3.67 3.78
N ALA E 123 16.27 4.38 4.81
CA ALA E 123 16.71 4.23 6.22
C ALA E 123 16.33 2.84 6.77
N GLU E 124 16.84 2.48 7.95
CA GLU E 124 16.60 1.17 8.59
C GLU E 124 15.09 1.03 8.88
N ASP E 125 14.50 1.98 9.62
CA ASP E 125 13.07 1.91 10.01
C ASP E 125 12.30 1.41 8.77
N ALA E 126 12.37 2.16 7.67
CA ALA E 126 11.67 1.87 6.39
C ALA E 126 11.97 0.42 5.94
N ALA E 127 13.22 -0.02 6.02
CA ALA E 127 13.65 -1.36 5.56
C ALA E 127 13.04 -2.44 6.46
N ARG E 128 12.97 -2.19 7.78
CA ARG E 128 12.44 -3.15 8.79
C ARG E 128 10.93 -3.33 8.58
N TYR E 129 10.22 -2.23 8.33
CA TYR E 129 8.75 -2.22 8.07
C TYR E 129 8.44 -2.96 6.77
N LEU E 130 9.20 -2.68 5.71
CA LEU E 130 9.03 -3.36 4.39
C LEU E 130 9.35 -4.86 4.52
N ALA E 131 10.46 -5.20 5.19
CA ALA E 131 10.82 -6.60 5.51
C ALA E 131 9.66 -7.31 6.23
N GLU E 132 9.11 -6.70 7.29
CA GLU E 132 8.13 -7.38 8.19
C GLU E 132 6.78 -7.49 7.46
N ILE E 133 6.43 -6.51 6.64
CA ILE E 133 5.25 -6.57 5.72
C ILE E 133 5.47 -7.75 4.77
N GLY E 134 6.75 -8.02 4.46
CA GLY E 134 7.17 -9.13 3.57
C GLY E 134 6.99 -8.75 2.11
N ILE E 135 7.65 -7.69 1.69
CA ILE E 135 7.66 -7.23 0.27
C ILE E 135 8.61 -8.16 -0.53
N ALA E 136 8.44 -8.18 -1.85
CA ALA E 136 9.19 -9.06 -2.77
C ALA E 136 10.57 -8.46 -3.09
N GLY E 137 10.70 -7.13 -3.03
CA GLY E 137 11.94 -6.45 -3.45
C GLY E 137 11.76 -4.94 -3.43
N VAL E 138 12.88 -4.21 -3.39
CA VAL E 138 12.89 -2.72 -3.31
C VAL E 138 13.94 -2.21 -4.30
N GLY E 139 13.52 -1.34 -5.21
CA GLY E 139 14.38 -0.67 -6.21
C GLY E 139 14.60 0.77 -5.84
N ILE E 140 15.85 1.20 -5.78
CA ILE E 140 16.19 2.61 -5.42
C ILE E 140 16.78 3.27 -6.65
N ASP E 141 16.71 4.60 -6.70
CA ASP E 141 17.23 5.43 -7.80
C ASP E 141 18.58 6.03 -7.39
N SER E 142 19.23 5.43 -6.39
CA SER E 142 20.63 5.71 -5.99
C SER E 142 21.48 4.46 -6.20
N LEU E 143 22.81 4.61 -6.25
CA LEU E 143 23.76 3.51 -6.53
C LEU E 143 23.86 2.59 -5.32
N GLY E 144 23.77 3.15 -4.11
CA GLY E 144 23.61 2.41 -2.84
C GLY E 144 22.25 2.68 -2.21
N ILE E 145 21.63 1.66 -1.63
CA ILE E 145 20.26 1.78 -1.04
C ILE E 145 20.36 2.51 0.30
N GLU E 146 21.56 2.58 0.90
CA GLU E 146 21.76 3.24 2.21
C GLU E 146 23.11 3.97 2.30
N ARG E 147 23.21 4.85 3.31
CA ARG E 147 24.39 5.65 3.71
C ARG E 147 24.20 6.07 5.17
N ALA E 148 25.27 6.50 5.83
CA ALA E 148 25.30 7.02 7.22
C ALA E 148 24.84 5.92 8.19
N GLN E 149 24.90 4.66 7.77
CA GLN E 149 24.35 3.49 8.51
C GLN E 149 25.40 2.39 8.58
N PRO E 150 26.32 2.39 9.58
CA PRO E 150 27.30 1.31 9.70
C PRO E 150 26.67 -0.06 9.97
N GLU E 151 27.37 -1.14 9.60
CA GLU E 151 26.90 -2.56 9.60
C GLU E 151 25.80 -2.76 8.54
N HIS E 152 25.48 -1.72 7.77
CA HIS E 152 24.55 -1.71 6.59
C HIS E 152 23.19 -2.33 6.93
N PRO E 153 22.48 -1.84 7.97
CA PRO E 153 21.25 -2.49 8.44
C PRO E 153 20.15 -2.59 7.37
N THR E 154 20.03 -1.58 6.51
CA THR E 154 18.98 -1.50 5.47
C THR E 154 19.18 -2.70 4.54
N HIS E 155 20.39 -2.87 3.99
CA HIS E 155 20.82 -4.04 3.17
C HIS E 155 20.46 -5.35 3.89
N ARG E 156 20.74 -5.44 5.20
CA ARG E 156 20.66 -6.71 5.98
C ARG E 156 19.20 -7.14 6.15
N ALA E 157 18.36 -6.27 6.73
CA ALA E 157 16.94 -6.55 7.03
C ALA E 157 16.25 -7.19 5.83
N LEU E 158 16.45 -6.59 4.65
CA LEU E 158 15.83 -7.02 3.37
C LEU E 158 16.47 -8.33 2.91
N MET E 159 17.79 -8.36 2.77
CA MET E 159 18.56 -9.54 2.26
C MET E 159 18.42 -10.73 3.22
N ASP E 160 18.19 -10.48 4.51
CA ASP E 160 17.96 -11.56 5.50
C ASP E 160 16.63 -12.27 5.19
N LYS E 161 15.64 -11.52 4.72
CA LYS E 161 14.28 -12.05 4.37
C LYS E 161 14.25 -12.44 2.88
N ASP E 162 15.41 -12.60 2.24
CA ASP E 162 15.58 -12.92 0.80
C ASP E 162 14.84 -11.90 -0.07
N ILE E 163 14.70 -10.65 0.40
CA ILE E 163 14.06 -9.55 -0.39
C ILE E 163 15.12 -9.04 -1.36
N VAL E 164 14.79 -8.83 -2.63
CA VAL E 164 15.81 -8.46 -3.64
C VAL E 164 15.97 -6.94 -3.63
N VAL E 165 17.21 -6.47 -3.43
CA VAL E 165 17.59 -5.03 -3.51
C VAL E 165 18.07 -4.72 -4.92
N ILE E 166 17.43 -3.78 -5.59
CA ILE E 166 17.87 -3.24 -6.91
C ILE E 166 18.26 -1.79 -6.64
N GLU E 167 19.40 -1.35 -7.17
CA GLU E 167 19.97 0.00 -6.98
C GLU E 167 20.20 0.59 -8.39
N GLY E 168 20.28 1.93 -8.52
CA GLY E 168 20.75 2.62 -9.74
C GLY E 168 19.67 2.89 -10.78
N LEU E 169 18.38 2.85 -10.40
CA LEU E 169 17.25 3.07 -11.34
C LEU E 169 17.16 4.53 -11.72
N GLN E 170 16.81 4.84 -12.96
CA GLN E 170 16.55 6.23 -13.39
C GLN E 170 15.02 6.39 -13.52
N LEU E 171 14.35 6.97 -12.51
CA LEU E 171 12.85 7.03 -12.47
C LEU E 171 12.33 8.44 -12.81
N ALA E 172 13.20 9.34 -13.26
CA ALA E 172 12.93 10.77 -13.54
C ALA E 172 11.64 10.94 -14.33
N ASP E 173 11.49 10.25 -15.46
CA ASP E 173 10.36 10.47 -16.40
C ASP E 173 9.22 9.47 -16.11
N VAL E 174 9.27 8.75 -14.99
CA VAL E 174 8.31 7.64 -14.70
C VAL E 174 7.27 8.12 -13.69
N GLU E 175 5.99 8.03 -14.07
CA GLU E 175 4.85 8.47 -13.23
C GLU E 175 4.51 7.32 -12.29
N GLU E 176 4.34 7.63 -11.00
CA GLU E 176 3.85 6.70 -9.94
C GLU E 176 2.72 5.85 -10.53
N GLY E 177 2.78 4.54 -10.37
CA GLY E 177 1.75 3.65 -10.96
C GLY E 177 2.17 2.20 -10.90
N SER E 178 1.29 1.30 -11.36
CA SER E 178 1.62 -0.12 -11.59
C SER E 178 2.19 -0.27 -12.99
N TYR E 179 3.25 -1.07 -13.12
CA TYR E 179 3.94 -1.38 -14.39
C TYR E 179 4.38 -2.84 -14.37
N PHE E 180 4.69 -3.42 -15.53
CA PHE E 180 5.41 -4.71 -15.61
C PHE E 180 6.93 -4.43 -15.65
N MET E 181 7.64 -4.86 -14.60
CA MET E 181 9.11 -4.70 -14.43
C MET E 181 9.88 -5.86 -15.05
N ILE E 182 10.83 -5.51 -15.91
CA ILE E 182 11.89 -6.46 -16.39
C ILE E 182 13.23 -6.03 -15.77
N ALA E 183 13.69 -6.74 -14.75
CA ALA E 183 15.05 -6.53 -14.19
C ALA E 183 15.92 -7.70 -14.66
N ALA E 184 16.58 -7.53 -15.81
CA ALA E 184 17.36 -8.57 -16.50
C ALA E 184 18.84 -8.35 -16.23
N PRO E 185 19.46 -9.06 -15.27
CA PRO E 185 20.91 -8.98 -15.03
C PRO E 185 21.73 -9.92 -15.93
N LEU E 186 22.99 -9.54 -16.24
CA LEU E 186 23.99 -10.46 -16.87
C LEU E 186 23.96 -11.81 -16.14
N ASN E 187 23.99 -12.92 -16.89
CA ASN E 187 23.84 -14.30 -16.32
C ASN E 187 25.18 -14.78 -15.76
N ILE E 188 25.87 -13.89 -15.04
CA ILE E 188 27.18 -14.13 -14.38
C ILE E 188 26.91 -14.92 -13.09
N GLN E 189 27.78 -15.86 -12.74
CA GLN E 189 27.58 -16.82 -11.61
C GLN E 189 28.40 -16.40 -10.39
N GLY E 190 27.90 -16.69 -9.19
CA GLY E 190 28.70 -16.68 -7.95
C GLY E 190 29.22 -15.28 -7.63
N THR E 191 28.39 -14.27 -7.89
CA THR E 191 28.74 -12.84 -7.71
C THR E 191 27.91 -12.25 -6.57
N ASP E 192 28.30 -11.06 -6.11
CA ASP E 192 27.60 -10.31 -5.05
C ASP E 192 26.53 -9.43 -5.71
N ALA E 193 26.59 -9.24 -7.03
CA ALA E 193 25.62 -8.43 -7.80
C ALA E 193 25.82 -8.73 -9.28
N SER E 194 24.94 -8.21 -10.13
CA SER E 194 25.13 -8.21 -11.61
C SER E 194 24.45 -7.01 -12.24
N PRO E 195 25.14 -6.21 -13.09
CA PRO E 195 24.48 -5.11 -13.78
C PRO E 195 23.21 -5.58 -14.49
N ALA E 196 22.11 -4.86 -14.29
CA ALA E 196 20.79 -5.20 -14.87
C ALA E 196 20.35 -4.14 -15.88
N ARG E 197 19.74 -4.58 -16.97
CA ARG E 197 18.88 -3.72 -17.82
C ARG E 197 17.49 -3.74 -17.18
N VAL E 198 17.08 -2.67 -16.50
CA VAL E 198 15.75 -2.65 -15.83
C VAL E 198 14.77 -1.92 -16.76
N LEU E 199 13.72 -2.63 -17.21
CA LEU E 199 12.70 -2.06 -18.12
C LEU E 199 11.31 -2.08 -17.46
N LEU E 200 10.51 -1.08 -17.77
CA LEU E 200 9.09 -1.00 -17.34
C LEU E 200 8.21 -1.09 -18.59
N LEU E 201 7.19 -1.94 -18.55
CA LEU E 201 6.09 -1.94 -19.55
C LEU E 201 4.84 -1.40 -18.85
N ASP E 202 4.12 -0.51 -19.54
CA ASP E 202 2.82 0.02 -19.04
C ASP E 202 1.68 -0.84 -19.62
N ASN E 203 2.01 -1.97 -20.26
CA ASN E 203 1.04 -2.94 -20.88
C ASN E 203 -0.32 -2.77 -20.22
N TRP E 204 -0.36 -2.81 -18.88
CA TRP E 204 -1.60 -2.67 -18.07
C TRP E 204 -2.61 -3.75 -18.48
N LYS E 205 -2.41 -4.98 -18.01
CA LYS E 205 -3.23 -6.15 -18.41
C LYS E 205 -2.77 -7.38 -17.62
N MET F 1 2.06 -18.86 -15.90
CA MET F 1 3.04 -18.41 -16.94
C MET F 1 4.41 -19.03 -16.62
N LYS F 2 5.37 -18.92 -17.55
CA LYS F 2 6.73 -19.49 -17.39
C LYS F 2 7.72 -18.59 -18.13
N ILE F 3 8.92 -18.43 -17.55
CA ILE F 3 10.05 -17.68 -18.15
C ILE F 3 11.13 -18.70 -18.52
N ILE F 4 11.38 -18.86 -19.81
CA ILE F 4 12.49 -19.73 -20.29
C ILE F 4 13.71 -18.83 -20.42
N ASP F 5 14.66 -18.99 -19.51
CA ASP F 5 15.96 -18.29 -19.57
C ASP F 5 16.80 -19.01 -20.62
N ILE F 6 17.05 -18.39 -21.77
CA ILE F 6 17.86 -19.03 -22.85
C ILE F 6 19.23 -18.34 -22.92
N THR F 7 19.71 -17.87 -21.77
CA THR F 7 21.00 -17.14 -21.64
C THR F 7 22.09 -18.12 -21.20
N ALA F 8 23.23 -18.09 -21.89
CA ALA F 8 24.42 -18.89 -21.51
C ALA F 8 24.93 -18.35 -20.19
N PRO F 9 25.29 -19.24 -19.22
CA PRO F 9 25.94 -18.82 -17.98
C PRO F 9 27.29 -18.20 -18.33
N ILE F 10 27.62 -17.06 -17.70
CA ILE F 10 28.94 -16.37 -17.83
C ILE F 10 29.81 -16.82 -16.65
N TYR F 11 30.89 -17.56 -16.92
CA TYR F 11 31.87 -18.02 -15.89
C TYR F 11 33.24 -18.22 -16.54
N GLU F 12 34.30 -18.18 -15.73
CA GLU F 12 35.67 -18.62 -16.13
C GLU F 12 35.66 -20.12 -16.49
N GLY F 13 36.01 -20.44 -17.73
CA GLY F 13 35.99 -21.82 -18.25
C GLY F 13 34.76 -22.06 -19.11
N MET F 14 33.93 -21.03 -19.30
CA MET F 14 32.69 -21.14 -20.11
C MET F 14 33.08 -21.42 -21.56
N PRO F 15 32.18 -22.07 -22.33
CA PRO F 15 32.36 -22.15 -23.78
C PRO F 15 32.57 -20.74 -24.35
N VAL F 16 33.75 -20.48 -24.90
CA VAL F 16 34.09 -19.22 -25.62
C VAL F 16 34.41 -19.60 -27.07
N TYR F 17 34.60 -18.60 -27.94
CA TYR F 17 34.80 -18.77 -29.40
C TYR F 17 36.19 -19.36 -29.68
N LYS F 18 36.20 -20.51 -30.36
CA LYS F 18 37.42 -21.25 -30.82
C LYS F 18 38.25 -21.64 -29.58
N ASN F 19 37.60 -21.74 -28.41
CA ASN F 19 38.24 -22.04 -27.11
C ASN F 19 39.50 -21.19 -26.95
N LYS F 20 39.47 -19.95 -27.45
CA LYS F 20 40.60 -18.98 -27.34
C LYS F 20 40.67 -18.48 -25.90
N PRO F 21 41.85 -18.59 -25.24
CA PRO F 21 42.02 -18.21 -23.83
C PRO F 21 41.81 -16.71 -23.52
N GLU F 22 42.07 -15.85 -24.50
CA GLU F 22 41.98 -14.39 -24.31
C GLU F 22 40.51 -14.04 -24.07
N LYS F 23 39.63 -14.77 -24.75
CA LYS F 23 38.17 -14.48 -24.82
C LYS F 23 37.48 -14.82 -23.50
N GLN F 24 38.14 -15.52 -22.57
CA GLN F 24 37.50 -15.90 -21.28
C GLN F 24 37.25 -14.65 -20.44
N PRO F 25 36.12 -14.58 -19.71
CA PRO F 25 35.87 -13.50 -18.76
C PRO F 25 36.72 -13.63 -17.49
N SER F 26 36.94 -12.50 -16.80
CA SER F 26 37.66 -12.42 -15.51
C SER F 26 36.75 -11.80 -14.46
N ILE F 27 36.59 -12.47 -13.32
CA ILE F 27 35.90 -11.93 -12.12
C ILE F 27 36.92 -11.85 -10.99
N THR F 28 37.14 -10.63 -10.47
CA THR F 28 37.96 -10.30 -9.28
C THR F 28 37.02 -9.98 -8.11
N THR F 29 37.10 -10.71 -7.00
CA THR F 29 36.24 -10.51 -5.80
C THR F 29 37.08 -10.05 -4.60
N GLN F 30 36.79 -8.87 -4.04
CA GLN F 30 37.46 -8.33 -2.83
C GLN F 30 36.48 -8.38 -1.64
N THR F 31 36.73 -9.27 -0.68
CA THR F 31 35.93 -9.40 0.56
C THR F 31 36.61 -8.60 1.67
N ASN F 32 35.93 -7.55 2.13
CA ASN F 32 36.41 -6.58 3.17
C ASN F 32 35.66 -6.91 4.46
N GLY F 33 36.02 -8.02 5.11
CA GLY F 33 35.33 -8.53 6.31
C GLY F 33 34.06 -9.29 5.96
N HIS F 34 32.93 -8.60 5.80
CA HIS F 34 31.66 -9.21 5.31
C HIS F 34 31.11 -8.53 4.05
N VAL F 35 31.50 -7.29 3.75
CA VAL F 35 31.15 -6.63 2.46
C VAL F 35 31.91 -7.37 1.36
N THR F 36 31.22 -7.98 0.39
CA THR F 36 31.87 -8.64 -0.77
C THR F 36 31.53 -7.85 -2.05
N GLU F 37 32.54 -7.28 -2.70
CA GLU F 37 32.42 -6.54 -3.99
C GLU F 37 33.27 -7.27 -5.05
N SER F 38 32.86 -7.18 -6.32
CA SER F 38 33.47 -7.88 -7.48
C SER F 38 33.55 -6.95 -8.69
N ARG F 39 34.52 -7.19 -9.58
CA ARG F 39 34.69 -6.50 -10.89
C ARG F 39 34.82 -7.57 -11.97
N ILE F 40 34.14 -7.37 -13.10
CA ILE F 40 34.09 -8.36 -14.22
C ILE F 40 34.73 -7.72 -15.45
N CYS F 41 35.70 -8.39 -16.05
CA CYS F 41 36.14 -8.07 -17.43
C CYS F 41 35.65 -9.21 -18.30
N MET F 42 34.99 -8.89 -19.42
CA MET F 42 34.46 -9.90 -20.36
C MET F 42 34.45 -9.29 -21.76
N ASP F 43 34.56 -10.13 -22.78
CA ASP F 43 34.30 -9.70 -24.18
C ASP F 43 32.79 -9.42 -24.33
N VAL F 44 32.48 -8.37 -25.08
CA VAL F 44 31.07 -8.03 -25.43
C VAL F 44 30.44 -9.17 -26.24
N HIS F 45 31.25 -9.94 -26.99
CA HIS F 45 30.77 -11.07 -27.84
C HIS F 45 30.81 -12.35 -27.01
N THR F 46 30.57 -12.24 -25.70
CA THR F 46 30.57 -13.38 -24.76
C THR F 46 29.14 -13.91 -24.60
N GLY F 47 28.98 -15.24 -24.62
CA GLY F 47 27.72 -15.94 -24.30
C GLY F 47 26.56 -15.36 -25.08
N THR F 48 25.36 -15.32 -24.50
CA THR F 48 24.19 -14.72 -25.16
C THR F 48 24.45 -13.21 -25.26
N HIS F 49 24.50 -12.69 -26.48
CA HIS F 49 24.82 -11.27 -26.74
C HIS F 49 24.16 -10.78 -28.03
N VAL F 50 23.87 -9.47 -28.06
CA VAL F 50 23.37 -8.72 -29.25
C VAL F 50 24.57 -8.05 -29.93
N ASP F 51 24.79 -8.39 -31.21
CA ASP F 51 25.77 -7.74 -32.10
C ASP F 51 25.16 -6.40 -32.51
N ALA F 52 25.98 -5.39 -32.78
CA ALA F 52 25.56 -4.08 -33.31
C ALA F 52 26.16 -3.90 -34.69
N PRO F 53 25.43 -3.30 -35.64
CA PRO F 53 25.95 -3.08 -36.99
C PRO F 53 27.45 -2.71 -37.05
N LEU F 54 28.00 -2.08 -36.01
CA LEU F 54 29.43 -1.65 -36.00
C LEU F 54 30.36 -2.83 -36.30
N HIS F 55 30.43 -3.85 -35.45
CA HIS F 55 31.10 -5.14 -35.76
C HIS F 55 30.97 -5.41 -37.27
N MET F 56 32.05 -5.27 -38.05
CA MET F 56 32.16 -5.51 -39.53
C MET F 56 32.18 -4.19 -40.34
N MET F 57 31.48 -3.14 -39.90
CA MET F 57 31.58 -1.77 -40.49
C MET F 57 32.38 -0.88 -39.54
N ASN F 58 32.82 0.30 -40.00
CA ASN F 58 33.49 1.30 -39.12
C ASN F 58 32.56 2.50 -38.92
N ASP F 59 31.69 2.79 -39.89
CA ASP F 59 30.67 3.86 -39.78
C ASP F 59 29.39 3.27 -39.15
N GLY F 60 29.46 2.01 -38.72
CA GLY F 60 28.30 1.17 -38.37
C GLY F 60 27.68 1.62 -37.06
N LYS F 61 26.36 1.47 -36.93
CA LYS F 61 25.59 1.82 -35.71
C LYS F 61 26.15 1.00 -34.54
N THR F 62 26.17 1.59 -33.34
CA THR F 62 26.69 0.96 -32.09
C THR F 62 25.53 0.40 -31.27
N ILE F 63 25.78 -0.59 -30.42
CA ILE F 63 24.76 -0.99 -29.40
C ILE F 63 24.48 0.29 -28.61
N GLU F 64 23.20 0.68 -28.57
CA GLU F 64 22.66 1.98 -28.10
C GLU F 64 21.52 2.30 -29.06
N THR F 65 21.90 2.43 -30.34
CA THR F 65 21.02 2.80 -31.47
C THR F 65 20.00 1.68 -31.68
N ILE F 66 20.33 0.43 -31.35
CA ILE F 66 19.34 -0.67 -31.47
C ILE F 66 18.32 -0.42 -30.35
N SER F 67 17.09 -0.08 -30.71
CA SER F 67 15.99 0.28 -29.78
C SER F 67 15.49 -0.98 -29.08
N ILE F 68 15.30 -0.92 -27.76
CA ILE F 68 14.82 -2.06 -26.94
C ILE F 68 13.44 -2.48 -27.42
N GLU F 69 12.81 -1.66 -28.28
CA GLU F 69 11.51 -1.94 -28.90
C GLU F 69 11.70 -3.08 -29.92
N LYS F 70 12.93 -3.25 -30.43
CA LYS F 70 13.32 -4.32 -31.39
C LYS F 70 13.88 -5.54 -30.65
N LEU F 71 14.15 -5.42 -29.35
CA LEU F 71 14.74 -6.52 -28.53
C LEU F 71 13.71 -7.10 -27.55
N VAL F 72 12.72 -6.30 -27.15
CA VAL F 72 11.56 -6.74 -26.33
C VAL F 72 10.32 -6.61 -27.22
N ARG F 73 9.91 -7.73 -27.79
CA ARG F 73 8.77 -7.83 -28.74
C ARG F 73 8.43 -9.31 -28.92
N PRO F 74 7.25 -9.67 -29.46
CA PRO F 74 6.97 -11.06 -29.84
C PRO F 74 8.08 -11.60 -30.78
N CYS F 75 8.39 -12.89 -30.67
CA CYS F 75 9.47 -13.56 -31.46
C CYS F 75 8.99 -14.93 -31.93
N LYS F 76 9.76 -15.55 -32.83
CA LYS F 76 9.49 -16.90 -33.39
C LYS F 76 10.71 -17.79 -33.18
N VAL F 77 10.49 -19.01 -32.67
CA VAL F 77 11.53 -20.07 -32.54
C VAL F 77 11.23 -21.17 -33.57
N ILE F 78 12.15 -21.39 -34.51
CA ILE F 78 12.08 -22.44 -35.58
C ILE F 78 13.04 -23.58 -35.21
N ASP F 79 12.52 -24.82 -35.14
CA ASP F 79 13.30 -26.06 -34.93
C ASP F 79 14.09 -26.35 -36.22
N LEU F 80 15.42 -26.30 -36.15
CA LEU F 80 16.35 -26.61 -37.28
C LEU F 80 17.41 -27.58 -36.77
N THR F 81 16.99 -28.51 -35.90
CA THR F 81 17.83 -29.55 -35.25
C THR F 81 18.07 -30.74 -36.18
N HIS F 82 17.28 -30.85 -37.26
CA HIS F 82 17.41 -31.86 -38.34
C HIS F 82 18.36 -31.33 -39.43
N VAL F 83 18.65 -30.03 -39.41
CA VAL F 83 19.53 -29.32 -40.39
C VAL F 83 20.99 -29.71 -40.10
N HIS F 84 21.74 -30.04 -41.15
CA HIS F 84 23.17 -30.46 -41.08
C HIS F 84 24.06 -29.38 -41.69
N GLU F 85 25.29 -29.24 -41.17
CA GLU F 85 26.34 -28.31 -41.63
C GLU F 85 25.89 -26.86 -41.39
N LYS F 86 25.11 -26.28 -42.32
CA LYS F 86 24.71 -24.84 -42.29
C LYS F 86 23.19 -24.76 -42.43
N ILE F 87 22.64 -23.54 -42.41
CA ILE F 87 21.20 -23.27 -42.68
C ILE F 87 21.12 -22.65 -44.07
N THR F 88 20.41 -23.31 -44.98
CA THR F 88 20.29 -22.93 -46.42
C THR F 88 18.94 -22.23 -46.61
N LYS F 89 18.81 -21.41 -47.66
CA LYS F 89 17.54 -20.72 -48.02
C LYS F 89 16.42 -21.76 -47.95
N SER F 90 16.69 -22.96 -48.48
CA SER F 90 15.73 -24.10 -48.44
C SER F 90 15.28 -24.31 -46.99
N ASP F 91 16.22 -24.41 -46.04
CA ASP F 91 15.95 -24.81 -44.62
C ASP F 91 14.95 -23.86 -43.96
N VAL F 92 14.90 -22.59 -44.37
CA VAL F 92 14.11 -21.54 -43.68
C VAL F 92 13.07 -20.93 -44.63
N GLU F 93 12.79 -21.56 -45.77
CA GLU F 93 11.87 -20.99 -46.80
C GLU F 93 10.43 -21.33 -46.42
N ASN F 94 10.07 -22.61 -46.43
CA ASN F 94 8.70 -23.08 -46.08
C ASN F 94 8.30 -22.45 -44.75
N ALA F 95 9.20 -22.54 -43.76
CA ALA F 95 9.04 -22.03 -42.38
C ALA F 95 8.31 -20.68 -42.40
N ASP F 96 7.20 -20.59 -41.66
CA ASP F 96 6.42 -19.34 -41.47
C ASP F 96 7.38 -18.24 -41.01
N ILE F 97 8.03 -17.55 -41.95
CA ILE F 97 8.91 -16.38 -41.64
C ILE F 97 8.45 -15.18 -42.48
N GLN F 98 7.66 -14.30 -41.88
CA GLN F 98 7.10 -13.11 -42.55
C GLN F 98 8.02 -11.91 -42.31
N LYS F 99 7.69 -10.77 -42.91
CA LYS F 99 8.38 -9.46 -42.70
C LYS F 99 8.30 -9.10 -41.20
N ASP F 100 9.30 -8.34 -40.72
CA ASP F 100 9.40 -7.77 -39.34
C ASP F 100 9.14 -8.86 -38.30
N ASP F 101 9.45 -10.12 -38.63
CA ASP F 101 9.48 -11.28 -37.69
C ASP F 101 10.85 -11.25 -36.98
N PHE F 102 10.92 -11.64 -35.71
CA PHE F 102 12.18 -11.88 -34.97
C PHE F 102 12.33 -13.39 -34.76
N ILE F 103 13.13 -14.02 -35.61
CA ILE F 103 13.26 -15.51 -35.66
C ILE F 103 14.54 -15.89 -34.90
N LEU F 104 14.39 -16.73 -33.87
CA LEU F 104 15.51 -17.34 -33.11
C LEU F 104 15.64 -18.79 -33.57
N LEU F 105 16.80 -19.19 -34.11
CA LEU F 105 16.92 -20.51 -34.77
C LEU F 105 17.46 -21.56 -33.81
N LYS F 106 16.60 -22.47 -33.36
CA LYS F 106 17.03 -23.68 -32.59
C LYS F 106 17.64 -24.67 -33.59
N THR F 107 18.95 -24.91 -33.43
CA THR F 107 19.75 -25.91 -34.19
C THR F 107 20.26 -27.00 -33.22
N LYS F 108 21.25 -27.79 -33.67
CA LYS F 108 21.84 -28.90 -32.88
C LYS F 108 22.87 -28.31 -31.91
N ASN F 109 23.32 -27.08 -32.15
CA ASN F 109 24.30 -26.35 -31.29
C ASN F 109 23.77 -26.22 -29.86
N SER F 110 22.44 -26.16 -29.70
CA SER F 110 21.73 -26.14 -28.40
C SER F 110 22.19 -27.29 -27.49
N PHE F 111 22.51 -28.46 -28.06
CA PHE F 111 22.82 -29.71 -27.30
C PHE F 111 24.34 -29.95 -27.23
N ASP F 112 25.13 -29.08 -27.86
CA ASP F 112 26.61 -29.08 -27.84
C ASP F 112 27.09 -28.25 -26.65
N LYS F 113 27.50 -28.91 -25.57
CA LYS F 113 27.80 -28.29 -24.25
C LYS F 113 29.22 -27.71 -24.22
N GLU F 114 30.07 -28.03 -25.19
CA GLU F 114 31.34 -27.29 -25.40
C GLU F 114 31.32 -26.69 -26.80
N PHE F 115 32.31 -25.87 -27.12
CA PHE F 115 32.37 -25.18 -28.43
C PHE F 115 32.72 -26.22 -29.49
N ASN F 116 32.13 -26.08 -30.68
CA ASN F 116 32.42 -26.94 -31.86
C ASN F 116 32.80 -26.02 -33.02
N PHE F 117 33.95 -26.29 -33.65
CA PHE F 117 34.47 -25.53 -34.81
C PHE F 117 33.63 -25.82 -36.05
N ASP F 118 32.87 -26.92 -36.02
CA ASP F 118 31.83 -27.26 -37.04
C ASP F 118 30.46 -26.98 -36.42
N PHE F 119 30.22 -25.73 -36.03
CA PHE F 119 28.93 -25.27 -35.45
C PHE F 119 27.98 -24.92 -36.60
N ILE F 120 26.72 -25.38 -36.50
CA ILE F 120 25.62 -25.05 -37.46
C ILE F 120 25.53 -23.53 -37.49
N TYR F 121 25.71 -22.95 -38.68
CA TYR F 121 25.69 -21.49 -38.88
C TYR F 121 24.62 -21.18 -39.92
N LEU F 122 24.25 -19.90 -40.02
CA LEU F 122 23.35 -19.35 -41.07
C LEU F 122 24.22 -18.97 -42.25
N ALA F 123 24.10 -19.68 -43.38
CA ALA F 123 24.85 -19.39 -44.63
C ALA F 123 24.21 -18.18 -45.31
N GLU F 124 24.95 -17.50 -46.19
CA GLU F 124 24.51 -16.26 -46.86
C GLU F 124 23.19 -16.50 -47.62
N ASP F 125 23.00 -17.66 -48.28
CA ASP F 125 21.74 -17.95 -49.02
C ASP F 125 20.59 -17.52 -48.11
N ALA F 126 20.48 -18.14 -46.94
CA ALA F 126 19.39 -17.93 -45.95
C ALA F 126 19.38 -16.46 -45.47
N ALA F 127 20.56 -15.87 -45.25
CA ALA F 127 20.73 -14.49 -44.74
C ALA F 127 20.22 -13.46 -45.75
N ARG F 128 20.42 -13.69 -47.05
CA ARG F 128 19.90 -12.81 -48.13
C ARG F 128 18.36 -12.90 -48.16
N TYR F 129 17.85 -14.13 -48.22
CA TYR F 129 16.38 -14.44 -48.27
C TYR F 129 15.68 -13.75 -47.09
N LEU F 130 16.28 -13.82 -45.89
CA LEU F 130 15.71 -13.23 -44.65
C LEU F 130 15.88 -11.70 -44.68
N ALA F 131 16.99 -11.19 -45.22
CA ALA F 131 17.19 -9.74 -45.45
C ALA F 131 16.05 -9.24 -46.36
N GLU F 132 15.77 -9.93 -47.48
CA GLU F 132 14.86 -9.41 -48.54
C GLU F 132 13.38 -9.62 -48.14
N ILE F 133 13.04 -10.68 -47.41
CA ILE F 133 11.69 -10.82 -46.79
C ILE F 133 11.44 -9.61 -45.89
N GLY F 134 12.48 -9.14 -45.19
CA GLY F 134 12.44 -7.94 -44.33
C GLY F 134 12.23 -8.29 -42.88
N ILE F 135 12.86 -9.36 -42.39
CA ILE F 135 12.70 -9.80 -40.96
C ILE F 135 13.24 -8.69 -40.05
N ALA F 136 12.81 -8.67 -38.79
CA ALA F 136 13.21 -7.66 -37.78
C ALA F 136 14.63 -7.97 -37.29
N GLY F 137 14.87 -9.23 -36.95
CA GLY F 137 16.13 -9.72 -36.38
C GLY F 137 16.20 -11.24 -36.39
N VAL F 138 17.37 -11.79 -36.11
CA VAL F 138 17.62 -13.26 -36.14
C VAL F 138 18.55 -13.59 -34.98
N GLY F 139 18.21 -14.65 -34.24
CA GLY F 139 19.03 -15.23 -33.16
C GLY F 139 19.52 -16.61 -33.52
N ILE F 140 20.61 -17.06 -32.89
CA ILE F 140 21.21 -18.41 -33.10
C ILE F 140 21.71 -18.97 -31.75
N ASP F 141 21.77 -20.30 -31.64
CA ASP F 141 22.36 -21.02 -30.48
C ASP F 141 23.86 -21.29 -30.72
N SER F 142 24.53 -20.42 -31.50
CA SER F 142 26.00 -20.43 -31.66
C SER F 142 26.55 -19.06 -31.27
N LEU F 143 27.82 -19.00 -30.89
CA LEU F 143 28.50 -17.77 -30.42
C LEU F 143 28.72 -16.82 -31.61
N GLY F 144 29.04 -17.37 -32.79
CA GLY F 144 29.00 -16.65 -34.08
C GLY F 144 27.92 -17.22 -34.99
N ILE F 145 27.28 -16.36 -35.80
CA ILE F 145 26.18 -16.78 -36.72
C ILE F 145 26.78 -17.26 -38.04
N GLU F 146 28.10 -17.16 -38.19
CA GLU F 146 28.81 -17.25 -39.50
C GLU F 146 30.21 -17.86 -39.35
N ARG F 147 30.54 -18.85 -40.19
CA ARG F 147 31.89 -19.51 -40.28
C ARG F 147 32.11 -20.04 -41.69
N GLN F 149 33.09 -18.39 -44.11
CA GLN F 149 32.56 -17.30 -44.96
C GLN F 149 33.45 -16.06 -44.78
N PRO F 150 34.55 -15.91 -45.57
CA PRO F 150 35.40 -14.72 -45.51
C PRO F 150 34.65 -13.47 -46.00
N GLU F 151 34.92 -12.31 -45.36
CA GLU F 151 34.25 -10.99 -45.59
C GLU F 151 32.92 -10.92 -44.84
N HIS F 152 32.59 -12.00 -44.10
CA HIS F 152 31.43 -12.13 -43.16
C HIS F 152 30.11 -11.75 -43.82
N PRO F 153 29.76 -12.30 -45.00
CA PRO F 153 28.56 -11.86 -45.74
C PRO F 153 27.19 -12.16 -45.11
N THR F 154 27.08 -13.17 -44.24
CA THR F 154 25.85 -13.44 -43.45
C THR F 154 25.60 -12.27 -42.50
N HIS F 155 26.64 -11.83 -41.79
CA HIS F 155 26.63 -10.65 -40.90
C HIS F 155 26.25 -9.39 -41.69
N ARG F 156 26.85 -9.18 -42.86
CA ARG F 156 26.85 -7.84 -43.53
C ARG F 156 25.58 -7.68 -44.39
N ALA F 157 24.85 -8.77 -44.67
CA ALA F 157 23.58 -8.73 -45.44
C ALA F 157 22.41 -8.43 -44.51
N LEU F 158 22.58 -8.64 -43.20
CA LEU F 158 21.51 -8.43 -42.18
C LEU F 158 21.69 -7.05 -41.55
N MET F 159 22.91 -6.73 -41.13
CA MET F 159 23.29 -5.41 -40.56
C MET F 159 23.30 -4.34 -41.65
N ASP F 160 23.17 -4.72 -42.92
CA ASP F 160 22.96 -3.76 -44.03
C ASP F 160 21.51 -3.25 -43.96
N LYS F 161 20.56 -4.12 -43.62
CA LYS F 161 19.11 -3.79 -43.55
C LYS F 161 18.71 -3.58 -42.08
N ASP F 162 19.69 -3.25 -41.23
CA ASP F 162 19.52 -3.03 -39.76
C ASP F 162 18.77 -4.22 -39.15
N ILE F 163 19.02 -5.44 -39.64
CA ILE F 163 18.41 -6.67 -39.04
C ILE F 163 19.27 -7.09 -37.86
N VAL F 164 18.73 -7.06 -36.64
CA VAL F 164 19.54 -7.27 -35.41
C VAL F 164 20.01 -8.74 -35.43
N VAL F 165 21.31 -8.97 -35.19
CA VAL F 165 21.88 -10.33 -34.98
C VAL F 165 22.08 -10.52 -33.47
N ILE F 166 21.57 -11.65 -32.97
CA ILE F 166 21.68 -12.11 -31.56
C ILE F 166 22.30 -13.50 -31.63
N GLU F 167 23.30 -13.78 -30.80
CA GLU F 167 24.06 -15.05 -30.82
C GLU F 167 24.02 -15.63 -29.41
N GLY F 168 24.34 -16.91 -29.24
CA GLY F 168 24.63 -17.49 -27.91
C GLY F 168 23.38 -17.95 -27.17
N LEU F 169 22.27 -18.18 -27.87
CA LEU F 169 21.02 -18.63 -27.23
C LEU F 169 21.18 -20.08 -26.80
N GLN F 170 20.58 -20.45 -25.68
CA GLN F 170 20.48 -21.86 -25.22
C GLN F 170 19.03 -22.34 -25.42
N LEU F 171 18.73 -22.95 -26.58
CA LEU F 171 17.33 -23.29 -26.97
C LEU F 171 17.05 -24.79 -26.75
N ALA F 172 18.00 -25.51 -26.16
CA ALA F 172 17.92 -26.98 -25.89
C ALA F 172 16.60 -27.39 -25.25
N ASP F 173 15.90 -26.50 -24.53
CA ASP F 173 14.66 -26.85 -23.79
C ASP F 173 13.43 -26.21 -24.42
N VAL F 174 13.65 -25.40 -25.47
CA VAL F 174 12.58 -24.54 -26.05
C VAL F 174 11.90 -25.34 -27.18
N GLU F 175 10.57 -25.40 -27.16
CA GLU F 175 9.78 -25.99 -28.28
C GLU F 175 9.69 -24.95 -29.39
N GLU F 176 9.60 -25.37 -30.66
CA GLU F 176 9.24 -24.48 -31.79
C GLU F 176 7.93 -23.78 -31.41
N GLY F 177 7.81 -22.48 -31.64
CA GLY F 177 6.57 -21.77 -31.33
C GLY F 177 6.75 -20.27 -31.25
N SER F 178 5.63 -19.55 -31.16
CA SER F 178 5.63 -18.08 -30.92
C SER F 178 5.78 -17.87 -29.41
N TYR F 179 6.57 -16.87 -29.03
CA TYR F 179 6.91 -16.53 -27.61
C TYR F 179 7.01 -15.02 -27.52
N PHE F 180 7.02 -14.47 -26.31
CA PHE F 180 7.47 -13.06 -26.10
C PHE F 180 8.95 -13.07 -25.69
N MET F 181 9.79 -12.43 -26.50
CA MET F 181 11.27 -12.37 -26.30
C MET F 181 11.66 -11.10 -25.54
N ILE F 182 12.40 -11.29 -24.45
CA ILE F 182 13.09 -10.18 -23.71
C ILE F 182 14.60 -10.35 -23.94
N ALA F 183 15.18 -9.62 -24.88
CA ALA F 183 16.65 -9.56 -25.08
C ALA F 183 17.15 -8.26 -24.47
N ALA F 184 17.48 -8.29 -23.18
CA ALA F 184 17.93 -7.13 -22.37
C ALA F 184 19.46 -7.08 -22.39
N PRO F 185 20.08 -6.23 -23.24
CA PRO F 185 21.53 -6.00 -23.19
C PRO F 185 22.02 -5.04 -22.10
N LEU F 186 23.23 -5.27 -21.58
CA LEU F 186 23.97 -4.26 -20.77
C LEU F 186 23.83 -2.90 -21.46
N ASN F 187 23.46 -1.84 -20.72
CA ASN F 187 23.22 -0.49 -21.32
C ASN F 187 24.55 0.21 -21.56
N ILE F 188 25.51 -0.51 -22.16
CA ILE F 188 26.86 0.00 -22.48
C ILE F 188 26.69 0.99 -23.64
N GLN F 189 27.56 1.99 -23.75
CA GLN F 189 27.48 3.00 -24.84
C GLN F 189 28.52 2.70 -25.93
N GLY F 190 28.12 2.85 -27.20
CA GLY F 190 29.03 3.01 -28.34
C GLY F 190 29.92 1.81 -28.59
N THR F 191 29.38 0.61 -28.44
CA THR F 191 30.12 -0.68 -28.49
C THR F 191 29.62 -1.50 -29.69
N ASP F 192 30.44 -2.44 -30.16
CA ASP F 192 30.14 -3.28 -31.35
C ASP F 192 29.15 -4.39 -30.97
N ALA F 193 28.93 -4.61 -29.68
CA ALA F 193 27.98 -5.59 -29.13
C ALA F 193 27.80 -5.34 -27.64
N SER F 194 26.82 -5.97 -27.03
CA SER F 194 26.65 -5.99 -25.56
C SER F 194 26.14 -7.36 -25.14
N PRO F 195 26.65 -7.95 -24.04
CA PRO F 195 26.07 -9.20 -23.56
C PRO F 195 24.63 -8.90 -23.15
N ALA F 196 23.75 -9.86 -23.36
CA ALA F 196 22.32 -9.69 -23.09
C ALA F 196 21.78 -10.87 -22.27
N ARG F 197 20.84 -10.60 -21.37
CA ARG F 197 20.00 -11.66 -20.76
C ARG F 197 18.82 -11.88 -21.70
N VAL F 198 18.67 -13.08 -22.25
CA VAL F 198 17.55 -13.35 -23.19
C VAL F 198 16.57 -14.30 -22.50
N LEU F 199 15.33 -13.83 -22.36
CA LEU F 199 14.23 -14.58 -21.70
C LEU F 199 13.10 -14.75 -22.72
N LEU F 200 12.47 -15.92 -22.72
CA LEU F 200 11.23 -16.13 -23.50
C LEU F 200 10.06 -16.18 -22.52
N LEU F 201 8.94 -15.54 -22.89
CA LEU F 201 7.66 -15.69 -22.18
C LEU F 201 6.69 -16.44 -23.09
N ASP F 202 5.76 -17.19 -22.49
CA ASP F 202 4.71 -17.96 -23.20
C ASP F 202 3.34 -17.36 -22.91
N ASN F 203 3.29 -16.08 -22.48
CA ASN F 203 2.02 -15.38 -22.13
C ASN F 203 0.99 -15.62 -23.24
N TRP F 204 1.43 -15.63 -24.51
CA TRP F 204 0.60 -16.03 -25.67
C TRP F 204 -0.79 -15.39 -25.55
N LYS F 205 -0.92 -14.10 -25.90
CA LYS F 205 -2.15 -13.32 -25.62
C LYS F 205 -2.26 -12.17 -26.61
#